data_7SAU
#
_entry.id   7SAU
#
_cell.length_a   1.00
_cell.length_b   1.00
_cell.length_c   1.00
_cell.angle_alpha   90.00
_cell.angle_beta   90.00
_cell.angle_gamma   90.00
#
_symmetry.space_group_name_H-M   'P 1'
#
loop_
_entity.id
_entity.type
_entity.pdbx_description
1 polymer GldM
2 polymer 'Gliding motility protein GldL'
#
loop_
_entity_poly.entity_id
_entity_poly.type
_entity_poly.pdbx_seq_one_letter_code
_entity_poly.pdbx_strand_id
1 'polypeptide(L)'
;MAQGKLSPRQRMINMMYLVLTALLALNISKDILEALTKLNEDLSSTVMTVEKKLAFIYQAFDLAASENPEKAGVWRDKAY
EVKKQADELHNYLEGIKNDLIEITGGIDEKTNRPKGLDNREKVANYLLVNEGGKAREIRARLEQFRDNMKQYVDEEAALI
NMLEALFNTEKKKVGDVMIEWENATFEHFPLAAVIPFITGIQANVRNAEADIISHLQRNIGKTDLKFTDENLYFQGQFGS
WSHPQFEKGGGSGGGSGGGSWSHPQFEK
;
A,B
2 'polypeptide(L)'
;MPLIDVNGKKFKNFLAKLYGFGASIVILGAMFKILHWTGADLMLIIGLSTEAVIFFFSAFEKPAPEYDWTLVYPELAGVE
DLDSKNNALVPQGGTSLTQELDNMLKEASIDEELIKSLGDGLRKFGDAALKLNETIDAAEGTQKYTEQITLAAKHMESLN
ALYAVQLEGTASQMELQNALIEKLGSSIENTEKLSTELSELVTNMSALNKVYGGMLSAMGVSK
;
C,D,E,F,G
#
# COMPACT_ATOMS: atom_id res chain seq x y z
N ALA A 2 -33.45 -4.33 17.69
CA ALA A 2 -32.12 -3.75 17.49
C ALA A 2 -32.05 -2.36 18.11
N GLN A 3 -31.19 -1.51 17.53
CA GLN A 3 -31.05 -0.14 17.97
C GLN A 3 -32.00 0.75 17.15
N GLY A 4 -31.88 2.06 17.32
CA GLY A 4 -32.69 2.97 16.53
C GLY A 4 -32.34 2.93 15.06
N LYS A 5 -33.27 3.44 14.24
CA LYS A 5 -33.06 3.41 12.80
C LYS A 5 -31.84 4.24 12.43
N LEU A 6 -30.98 3.68 11.58
CA LEU A 6 -29.77 4.36 11.15
C LEU A 6 -30.12 5.56 10.29
N SER A 7 -29.52 6.70 10.61
CA SER A 7 -29.66 7.85 9.73
C SER A 7 -28.95 7.57 8.42
N PRO A 8 -29.35 8.22 7.33
CA PRO A 8 -28.70 7.95 6.04
C PRO A 8 -27.21 8.20 6.04
N ARG A 9 -26.73 9.12 6.88
CA ARG A 9 -25.30 9.37 7.00
C ARG A 9 -24.60 8.28 7.81
N GLN A 10 -25.27 7.76 8.83
CA GLN A 10 -24.69 6.70 9.64
C GLN A 10 -24.56 5.41 8.84
N ARG A 11 -25.56 5.13 8.00
CA ARG A 11 -25.49 3.97 7.12
C ARG A 11 -24.30 4.09 6.16
N MET A 12 -24.02 5.30 5.70
CA MET A 12 -22.88 5.51 4.81
C MET A 12 -21.56 5.42 5.55
N ILE A 13 -21.52 5.85 6.82
CA ILE A 13 -20.34 5.61 7.64
C ILE A 13 -20.09 4.11 7.80
N ASN A 14 -21.15 3.33 8.02
CA ASN A 14 -20.98 1.90 8.17
C ASN A 14 -20.53 1.24 6.88
N MET A 15 -21.05 1.73 5.75
CA MET A 15 -20.57 1.27 4.45
C MET A 15 -19.08 1.53 4.30
N MET A 16 -18.63 2.73 4.66
CA MET A 16 -17.21 3.04 4.59
C MET A 16 -16.40 2.16 5.53
N TYR A 17 -16.93 1.87 6.71
CA TYR A 17 -16.22 0.98 7.63
C TYR A 17 -16.02 -0.39 7.01
N LEU A 18 -17.07 -0.94 6.39
CA LEU A 18 -16.95 -2.24 5.74
C LEU A 18 -15.96 -2.20 4.58
N VAL A 19 -16.02 -1.15 3.76
CA VAL A 19 -15.12 -1.04 2.62
C VAL A 19 -13.67 -0.90 3.07
N LEU A 20 -13.43 -0.09 4.10
CA LEU A 20 -12.07 0.12 4.58
C LEU A 20 -11.54 -1.10 5.32
N THR A 21 -12.43 -1.92 5.89
CA THR A 21 -12.02 -3.22 6.40
C THR A 21 -11.61 -4.14 5.26
N ALA A 22 -12.38 -4.14 4.17
CA ALA A 22 -12.01 -4.96 3.02
C ALA A 22 -10.72 -4.48 2.37
N LEU A 23 -10.46 -3.18 2.42
CA LEU A 23 -9.23 -2.62 1.85
C LEU A 23 -8.00 -2.90 2.70
N LEU A 24 -8.16 -3.51 3.87
CA LEU A 24 -7.00 -4.00 4.60
C LEU A 24 -6.30 -5.14 3.87
N ALA A 25 -6.98 -5.79 2.93
CA ALA A 25 -6.39 -6.84 2.11
C ALA A 25 -5.76 -6.29 0.83
N LEU A 26 -5.64 -4.98 0.74
CA LEU A 26 -5.02 -4.33 -0.43
C LEU A 26 -3.51 -4.44 -0.36
N ASN A 27 -2.96 -5.19 -1.30
CA ASN A 27 -1.52 -5.26 -1.49
C ASN A 27 -1.18 -4.77 -2.90
N ILE A 28 0.09 -4.91 -3.27
CA ILE A 28 0.44 -4.63 -4.65
C ILE A 28 0.18 -5.87 -5.49
N SER A 29 -0.07 -5.65 -6.78
CA SER A 29 -0.56 -6.72 -7.64
C SER A 29 0.49 -7.82 -7.78
N LYS A 30 0.00 -9.02 -8.12
CA LYS A 30 0.89 -10.17 -8.21
C LYS A 30 1.92 -10.00 -9.32
N ASP A 31 1.58 -9.28 -10.38
CA ASP A 31 2.52 -9.09 -11.48
C ASP A 31 3.61 -8.08 -11.13
N ILE A 32 3.31 -7.13 -10.24
CA ILE A 32 4.35 -6.21 -9.79
C ILE A 32 5.34 -6.95 -8.87
N LEU A 33 4.87 -7.94 -8.12
CA LEU A 33 5.79 -8.80 -7.39
C LEU A 33 6.76 -9.50 -8.35
N GLU A 34 6.24 -10.02 -9.46
CA GLU A 34 7.08 -10.69 -10.44
C GLU A 34 8.05 -9.71 -11.10
N ALA A 35 7.58 -8.50 -11.39
CA ALA A 35 8.45 -7.48 -11.95
C ALA A 35 9.60 -7.16 -11.01
N LEU A 36 9.29 -6.98 -9.73
CA LEU A 36 10.33 -6.66 -8.74
C LEU A 36 11.29 -7.83 -8.56
N THR A 37 10.78 -9.06 -8.60
CA THR A 37 11.66 -10.22 -8.48
C THR A 37 12.60 -10.35 -9.67
N LYS A 38 12.08 -10.17 -10.88
CA LYS A 38 12.92 -10.22 -12.07
C LYS A 38 13.96 -9.11 -12.05
N LEU A 39 13.56 -7.91 -11.63
CA LEU A 39 14.49 -6.80 -11.56
C LEU A 39 15.56 -7.04 -10.50
N ASN A 40 15.19 -7.67 -9.38
CA ASN A 40 16.18 -8.04 -8.38
C ASN A 40 17.18 -9.05 -8.93
N GLU A 41 16.70 -10.03 -9.70
CA GLU A 41 17.62 -10.98 -10.32
C GLU A 41 18.57 -10.28 -11.29
N ASP A 42 18.05 -9.32 -12.05
CA ASP A 42 18.91 -8.56 -12.96
C ASP A 42 19.97 -7.78 -12.20
N LEU A 43 19.58 -7.11 -11.11
CA LEU A 43 20.55 -6.39 -10.29
C LEU A 43 21.61 -7.33 -9.72
N SER A 44 21.20 -8.48 -9.21
CA SER A 44 22.16 -9.40 -8.62
C SER A 44 23.16 -9.89 -9.67
N SER A 45 22.66 -10.27 -10.86
CA SER A 45 23.56 -10.75 -11.89
C SER A 45 24.52 -9.66 -12.35
N THR A 46 24.03 -8.44 -12.52
CA THR A 46 24.91 -7.38 -12.99
C THR A 46 25.94 -6.99 -11.93
N VAL A 47 25.56 -7.03 -10.66
CA VAL A 47 26.50 -6.77 -9.58
C VAL A 47 27.56 -7.86 -9.50
N MET A 48 27.16 -9.11 -9.74
CA MET A 48 28.15 -10.18 -9.79
C MET A 48 29.13 -9.97 -10.95
N THR A 49 28.63 -9.48 -12.08
CA THR A 49 29.53 -9.12 -13.18
C THR A 49 30.51 -8.04 -12.76
N VAL A 50 30.02 -7.01 -12.05
CA VAL A 50 30.91 -5.94 -11.59
C VAL A 50 31.97 -6.49 -10.64
N GLU A 51 31.59 -7.40 -9.75
CA GLU A 51 32.55 -7.99 -8.83
C GLU A 51 33.62 -8.79 -9.57
N LYS A 52 33.20 -9.57 -10.58
CA LYS A 52 34.16 -10.33 -11.37
C LYS A 52 35.11 -9.41 -12.12
N LYS A 53 34.62 -8.27 -12.59
CA LYS A 53 35.50 -7.31 -13.24
C LYS A 53 36.46 -6.67 -12.24
N LEU A 54 35.99 -6.39 -11.02
CA LEU A 54 36.83 -5.74 -10.02
C LEU A 54 37.93 -6.66 -9.51
N ALA A 55 37.68 -7.97 -9.48
CA ALA A 55 38.71 -8.91 -9.06
C ALA A 55 39.96 -8.79 -9.93
N PHE A 56 39.77 -8.61 -11.23
CA PHE A 56 40.90 -8.46 -12.13
C PHE A 56 41.67 -7.18 -11.85
N ILE A 57 40.97 -6.10 -11.50
CA ILE A 57 41.67 -4.85 -11.20
C ILE A 57 42.47 -4.98 -9.91
N TYR A 58 41.93 -5.70 -8.92
CA TYR A 58 42.70 -5.95 -7.70
C TYR A 58 43.93 -6.79 -7.99
N GLN A 59 43.79 -7.79 -8.86
CA GLN A 59 44.97 -8.54 -9.30
C GLN A 59 45.97 -7.64 -9.99
N ALA A 60 45.48 -6.68 -10.78
CA ALA A 60 46.36 -5.73 -11.44
C ALA A 60 47.13 -4.90 -10.43
N PHE A 61 46.46 -4.46 -9.36
CA PHE A 61 47.17 -3.78 -8.28
C PHE A 61 48.24 -4.68 -7.66
N ASP A 62 47.92 -5.95 -7.45
CA ASP A 62 48.89 -6.86 -6.85
C ASP A 62 50.14 -6.98 -7.72
N LEU A 63 49.95 -7.24 -9.01
CA LEU A 63 51.10 -7.33 -9.92
C LEU A 63 51.85 -6.00 -10.01
N ALA A 64 51.13 -4.88 -10.05
CA ALA A 64 51.79 -3.58 -10.14
C ALA A 64 52.67 -3.33 -8.93
N ALA A 65 52.19 -3.70 -7.74
CA ALA A 65 53.01 -3.57 -6.54
C ALA A 65 54.11 -4.61 -6.47
N SER A 66 54.00 -5.70 -7.24
CA SER A 66 55.02 -6.74 -7.19
C SER A 66 56.37 -6.23 -7.69
N GLU A 67 56.39 -5.62 -8.89
CA GLU A 67 57.67 -5.23 -9.47
C GLU A 67 58.34 -4.11 -8.67
N ASN A 68 57.61 -3.04 -8.39
CA ASN A 68 58.16 -1.85 -7.74
C ASN A 68 57.28 -1.45 -6.56
N PRO A 69 57.49 -2.07 -5.40
CA PRO A 69 56.72 -1.74 -4.20
C PRO A 69 57.15 -0.43 -3.53
N GLU A 70 57.38 0.60 -4.35
CA GLU A 70 57.69 1.94 -3.87
C GLU A 70 56.72 2.97 -4.42
N LYS A 71 56.31 2.83 -5.69
CA LYS A 71 55.33 3.71 -6.27
C LYS A 71 53.93 3.13 -6.26
N ALA A 72 53.80 1.80 -6.16
CA ALA A 72 52.50 1.15 -6.19
C ALA A 72 52.11 0.47 -4.88
N GLY A 73 53.01 0.39 -3.90
CA GLY A 73 52.66 -0.27 -2.65
C GLY A 73 51.58 0.47 -1.88
N VAL A 74 51.71 1.79 -1.78
CA VAL A 74 50.73 2.58 -1.05
C VAL A 74 49.38 2.55 -1.76
N TRP A 75 49.39 2.58 -3.10
CA TRP A 75 48.13 2.56 -3.84
C TRP A 75 47.46 1.19 -3.73
N ARG A 76 48.27 0.12 -3.74
CA ARG A 76 47.70 -1.21 -3.54
C ARG A 76 47.11 -1.35 -2.15
N ASP A 77 47.77 -0.78 -1.14
CA ASP A 77 47.22 -0.79 0.20
C ASP A 77 45.91 -0.03 0.27
N LYS A 78 45.83 1.14 -0.36
CA LYS A 78 44.60 1.91 -0.36
C LYS A 78 43.47 1.16 -1.08
N ALA A 79 43.80 0.54 -2.20
CA ALA A 79 42.81 -0.22 -2.95
C ALA A 79 42.29 -1.40 -2.14
N TYR A 80 43.18 -2.07 -1.40
CA TYR A 80 42.70 -3.19 -0.61
C TYR A 80 41.96 -2.74 0.64
N GLU A 81 42.25 -1.56 1.17
CA GLU A 81 41.45 -1.02 2.28
C GLU A 81 40.02 -0.73 1.81
N VAL A 82 39.89 -0.03 0.69
CA VAL A 82 38.56 0.23 0.15
C VAL A 82 37.87 -1.07 -0.26
N LYS A 83 38.62 -2.05 -0.75
CA LYS A 83 38.03 -3.36 -1.04
C LYS A 83 37.49 -4.00 0.23
N LYS A 84 38.27 -3.98 1.32
CA LYS A 84 37.82 -4.61 2.55
C LYS A 84 36.53 -3.95 3.04
N GLN A 85 36.48 -2.62 3.01
CA GLN A 85 35.27 -1.93 3.45
C GLN A 85 34.08 -2.27 2.57
N ALA A 86 34.28 -2.29 1.25
CA ALA A 86 33.18 -2.55 0.34
C ALA A 86 32.63 -3.96 0.49
N ASP A 87 33.51 -4.98 0.58
CA ASP A 87 33.04 -6.33 0.80
C ASP A 87 32.38 -6.50 2.16
N GLU A 88 32.89 -5.81 3.19
CA GLU A 88 32.22 -5.89 4.49
C GLU A 88 30.81 -5.33 4.41
N LEU A 89 30.63 -4.19 3.76
CA LEU A 89 29.29 -3.61 3.64
C LEU A 89 28.38 -4.50 2.80
N HIS A 90 28.91 -5.06 1.71
CA HIS A 90 28.11 -5.94 0.86
C HIS A 90 27.67 -7.18 1.61
N ASN A 91 28.58 -7.78 2.39
CA ASN A 91 28.21 -8.97 3.16
C ASN A 91 27.20 -8.63 4.25
N TYR A 92 27.33 -7.45 4.86
CA TYR A 92 26.35 -7.03 5.85
C TYR A 92 24.96 -6.89 5.24
N LEU A 93 24.88 -6.26 4.07
CA LEU A 93 23.59 -6.09 3.42
C LEU A 93 23.01 -7.43 2.95
N GLU A 94 23.88 -8.34 2.49
CA GLU A 94 23.39 -9.67 2.12
C GLU A 94 22.88 -10.43 3.33
N GLY A 95 23.54 -10.27 4.48
CA GLY A 95 23.04 -10.88 5.70
C GLY A 95 21.69 -10.33 6.09
N ILE A 96 21.49 -9.03 5.91
CA ILE A 96 20.18 -8.44 6.19
C ILE A 96 19.12 -9.01 5.24
N LYS A 97 19.45 -9.15 3.97
CA LYS A 97 18.51 -9.74 3.01
C LYS A 97 18.15 -11.17 3.40
N ASN A 98 19.15 -11.96 3.80
CA ASN A 98 18.88 -13.34 4.22
C ASN A 98 18.03 -13.39 5.48
N ASP A 99 18.28 -12.48 6.42
CA ASP A 99 17.44 -12.42 7.62
C ASP A 99 16.00 -12.08 7.26
N LEU A 100 15.81 -11.13 6.35
CA LEU A 100 14.45 -10.77 5.93
C LEU A 100 13.76 -11.94 5.25
N ILE A 101 14.49 -12.67 4.40
CA ILE A 101 13.89 -13.82 3.73
C ILE A 101 13.53 -14.91 4.74
N GLU A 102 14.40 -15.13 5.73
CA GLU A 102 14.15 -16.18 6.71
C GLU A 102 13.05 -15.81 7.69
N ILE A 103 12.94 -14.54 8.07
CA ILE A 103 11.96 -14.14 9.06
C ILE A 103 10.54 -14.13 8.51
N THR A 104 10.37 -14.01 7.20
CA THR A 104 9.05 -13.99 6.58
C THR A 104 8.60 -15.34 6.07
N GLY A 105 9.34 -16.41 6.34
CA GLY A 105 8.88 -17.73 5.97
C GLY A 105 9.95 -18.63 5.37
N GLY A 106 10.89 -18.05 4.65
CA GLY A 106 11.92 -18.82 3.99
C GLY A 106 11.73 -18.84 2.49
N ILE A 107 12.37 -19.82 1.85
CA ILE A 107 12.36 -19.98 0.41
C ILE A 107 11.33 -21.02 0.02
N ASP A 108 10.49 -20.69 -0.95
CA ASP A 108 9.57 -21.68 -1.54
C ASP A 108 10.38 -22.61 -2.42
N GLU A 109 10.62 -23.83 -1.93
CA GLU A 109 11.48 -24.77 -2.66
C GLU A 109 10.90 -25.16 -4.01
N LYS A 110 9.58 -25.07 -4.18
CA LYS A 110 8.98 -25.34 -5.48
C LYS A 110 9.40 -24.30 -6.51
N THR A 111 9.43 -23.02 -6.10
CA THR A 111 9.68 -21.92 -7.02
C THR A 111 11.09 -21.36 -6.92
N ASN A 112 11.78 -21.58 -5.81
CA ASN A 112 13.10 -21.02 -5.50
C ASN A 112 13.04 -19.51 -5.28
N ARG A 113 11.85 -18.95 -5.22
CA ARG A 113 11.65 -17.58 -4.79
C ARG A 113 11.15 -17.57 -3.34
N PRO A 114 11.55 -16.59 -2.55
CA PRO A 114 11.13 -16.59 -1.14
C PRO A 114 9.63 -16.51 -1.00
N LYS A 115 9.10 -17.27 -0.05
CA LYS A 115 7.70 -17.12 0.31
C LYS A 115 7.55 -15.95 1.28
N GLY A 116 6.31 -15.51 1.45
CA GLY A 116 6.10 -14.26 2.17
C GLY A 116 6.68 -13.09 1.42
N LEU A 117 6.60 -13.12 0.10
CA LEU A 117 7.15 -12.08 -0.75
C LEU A 117 6.31 -10.81 -0.74
N ASP A 118 5.09 -10.87 -0.21
CA ASP A 118 4.22 -9.71 -0.06
C ASP A 118 3.88 -9.46 1.41
N ASN A 119 4.81 -9.78 2.31
CA ASN A 119 4.50 -9.79 3.72
C ASN A 119 4.24 -8.39 4.25
N ARG A 120 5.24 -7.51 4.17
CA ARG A 120 5.09 -6.08 4.42
C ARG A 120 4.91 -5.76 5.91
N GLU A 121 4.73 -6.76 6.77
CA GLU A 121 4.49 -6.48 8.18
C GLU A 121 5.62 -7.00 9.07
N LYS A 122 6.01 -8.26 8.88
CA LYS A 122 7.22 -8.72 9.54
C LYS A 122 8.45 -8.02 8.98
N VAL A 123 8.39 -7.59 7.72
CA VAL A 123 9.47 -6.80 7.15
C VAL A 123 9.58 -5.47 7.88
N ALA A 124 8.44 -4.80 8.09
CA ALA A 124 8.41 -3.54 8.81
C ALA A 124 8.59 -3.71 10.31
N ASN A 125 8.59 -4.94 10.81
CA ASN A 125 9.02 -5.19 12.18
C ASN A 125 10.52 -5.41 12.26
N TYR A 126 11.07 -6.31 11.46
CA TYR A 126 12.52 -6.50 11.45
C TYR A 126 13.23 -5.18 11.18
N LEU A 127 12.84 -4.49 10.12
CA LEU A 127 13.30 -3.14 9.86
C LEU A 127 12.39 -2.18 10.60
N LEU A 128 12.99 -1.23 11.31
CA LEU A 128 12.32 -0.09 11.96
C LEU A 128 11.57 -0.36 13.27
N VAL A 129 11.20 -1.61 13.60
CA VAL A 129 10.69 -1.86 14.94
C VAL A 129 11.18 -3.20 15.48
N ASN A 130 12.41 -3.27 15.99
CA ASN A 130 12.73 -4.42 16.81
C ASN A 130 13.47 -3.99 18.07
N GLU A 131 14.54 -3.25 17.84
CA GLU A 131 15.40 -2.66 18.85
C GLU A 131 15.77 -1.25 18.41
N GLY A 132 14.79 -0.55 17.86
CA GLY A 132 15.02 0.59 17.01
C GLY A 132 15.03 0.25 15.54
N GLY A 133 15.13 -1.02 15.20
CA GLY A 133 15.08 -1.50 13.83
C GLY A 133 16.45 -1.66 13.22
N LYS A 134 16.54 -2.54 12.23
CA LYS A 134 17.79 -2.78 11.53
C LYS A 134 18.06 -1.75 10.45
N ALA A 135 17.09 -0.90 10.12
CA ALA A 135 17.30 0.08 9.07
C ALA A 135 18.21 1.22 9.52
N ARG A 136 18.21 1.53 10.81
CA ARG A 136 19.10 2.57 11.32
C ARG A 136 20.55 2.08 11.39
N GLU A 137 20.76 0.78 11.56
CA GLU A 137 22.10 0.23 11.44
C GLU A 137 22.59 0.26 10.00
N ILE A 138 21.70 -0.02 9.05
CA ILE A 138 22.03 0.17 7.63
C ILE A 138 22.39 1.61 7.38
N ARG A 139 21.64 2.54 7.97
CA ARG A 139 21.93 3.97 7.81
C ARG A 139 23.31 4.31 8.33
N ALA A 140 23.64 3.83 9.53
CA ALA A 140 24.95 4.12 10.11
C ALA A 140 26.06 3.54 9.25
N ARG A 141 25.88 2.31 8.76
CA ARG A 141 26.90 1.69 7.91
C ARG A 141 27.08 2.45 6.62
N LEU A 142 25.98 2.90 6.00
CA LEU A 142 26.08 3.67 4.76
C LEU A 142 26.79 4.99 4.99
N GLU A 143 26.47 5.69 6.09
CA GLU A 143 27.14 6.95 6.37
C GLU A 143 28.62 6.74 6.66
N GLN A 144 28.96 5.68 7.39
CA GLN A 144 30.37 5.39 7.66
C GLN A 144 31.12 5.09 6.37
N PHE A 145 30.52 4.29 5.49
CA PHE A 145 31.15 3.99 4.20
C PHE A 145 31.34 5.25 3.38
N ARG A 146 30.31 6.09 3.30
CA ARG A 146 30.41 7.32 2.51
C ARG A 146 31.49 8.23 3.05
N ASP A 147 31.57 8.39 4.37
CA ASP A 147 32.57 9.29 4.95
C ASP A 147 33.97 8.71 4.81
N ASN A 148 34.12 7.40 4.95
CA ASN A 148 35.44 6.78 4.81
C ASN A 148 35.93 6.86 3.37
N MET A 149 35.03 6.73 2.40
CA MET A 149 35.43 6.71 1.00
C MET A 149 35.95 8.06 0.55
N LYS A 150 35.51 9.14 1.19
CA LYS A 150 35.94 10.47 0.78
C LYS A 150 37.44 10.69 1.01
N GLN A 151 38.05 9.91 1.91
CA GLN A 151 39.49 10.06 2.13
C GLN A 151 40.30 9.51 0.97
N TYR A 152 39.77 8.52 0.26
CA TYR A 152 40.47 7.93 -0.88
C TYR A 152 40.24 8.70 -2.17
N VAL A 153 39.45 9.76 -2.13
CA VAL A 153 39.18 10.59 -3.29
C VAL A 153 39.93 11.90 -3.09
N ASP A 154 40.85 12.21 -4.01
CA ASP A 154 41.67 13.42 -3.92
C ASP A 154 40.83 14.63 -4.35
N GLU A 155 39.86 14.97 -3.48
CA GLU A 155 38.89 16.05 -3.68
C GLU A 155 38.41 16.13 -5.12
N GLU A 156 38.16 14.97 -5.73
CA GLU A 156 37.65 14.92 -7.10
C GLU A 156 36.17 15.26 -7.08
N ALA A 157 35.79 16.28 -7.85
CA ALA A 157 34.43 16.80 -7.76
C ALA A 157 33.39 15.76 -8.15
N ALA A 158 33.64 15.02 -9.23
CA ALA A 158 32.67 14.03 -9.68
C ALA A 158 32.53 12.90 -8.67
N LEU A 159 33.66 12.39 -8.16
CA LEU A 159 33.61 11.29 -7.21
C LEU A 159 32.95 11.70 -5.91
N ILE A 160 33.30 12.89 -5.39
CA ILE A 160 32.66 13.37 -4.17
C ILE A 160 31.16 13.56 -4.39
N ASN A 161 30.78 14.11 -5.53
CA ASN A 161 29.37 14.33 -5.81
C ASN A 161 28.60 13.02 -5.88
N MET A 162 29.17 12.00 -6.53
CA MET A 162 28.44 10.74 -6.63
C MET A 162 28.43 10.01 -5.29
N LEU A 163 29.49 10.15 -4.49
CA LEU A 163 29.47 9.57 -3.15
C LEU A 163 28.40 10.21 -2.28
N GLU A 164 28.23 11.52 -2.40
CA GLU A 164 27.15 12.19 -1.66
C GLU A 164 25.79 11.88 -2.25
N ALA A 165 25.73 11.51 -3.53
CA ALA A 165 24.44 11.25 -4.17
C ALA A 165 23.99 9.81 -3.96
N LEU A 166 24.89 8.85 -4.19
CA LEU A 166 24.51 7.44 -4.03
C LEU A 166 24.14 7.13 -2.59
N PHE A 167 24.86 7.70 -1.63
CA PHE A 167 24.62 7.48 -0.21
C PHE A 167 24.04 8.73 0.45
N ASN A 168 23.13 9.40 -0.26
CA ASN A 168 22.45 10.58 0.27
C ASN A 168 21.42 10.16 1.29
N THR A 169 21.82 10.10 2.56
CA THR A 169 20.94 9.64 3.63
C THR A 169 20.35 10.88 4.30
N GLU A 170 19.40 11.48 3.61
CA GLU A 170 18.68 12.64 4.12
C GLU A 170 17.18 12.37 4.03
N LYS A 171 16.40 13.29 4.58
CA LYS A 171 14.95 13.15 4.54
C LYS A 171 14.45 13.12 3.11
N LYS A 172 13.51 12.22 2.83
CA LYS A 172 12.96 12.05 1.51
C LYS A 172 11.53 12.59 1.47
N LYS A 173 11.12 13.01 0.27
CA LYS A 173 9.80 13.63 0.07
C LYS A 173 8.79 12.53 -0.24
N VAL A 174 8.12 12.04 0.79
CA VAL A 174 7.06 11.06 0.62
C VAL A 174 5.75 11.81 0.78
N GLY A 175 5.22 12.33 -0.33
CA GLY A 175 3.92 12.94 -0.34
C GLY A 175 3.70 14.09 0.62
N ASP A 176 4.28 15.25 0.33
CA ASP A 176 4.14 16.52 1.04
C ASP A 176 4.96 16.61 2.31
N VAL A 177 5.54 15.52 2.80
CA VAL A 177 6.23 15.55 4.07
C VAL A 177 7.63 14.97 3.91
N MET A 178 8.52 15.37 4.79
CA MET A 178 9.90 14.89 4.78
C MET A 178 9.99 13.76 5.80
N ILE A 179 10.06 12.53 5.33
CA ILE A 179 10.18 11.36 6.17
C ILE A 179 11.66 11.06 6.34
N GLU A 180 12.02 10.48 7.49
CA GLU A 180 13.38 10.03 7.69
C GLU A 180 13.76 8.99 6.65
N TRP A 181 15.06 8.86 6.41
CA TRP A 181 15.53 7.98 5.35
C TRP A 181 15.10 6.53 5.60
N GLU A 182 15.20 6.07 6.84
CA GLU A 182 14.89 4.67 7.13
C GLU A 182 13.42 4.36 6.83
N ASN A 183 12.52 5.27 7.20
CA ASN A 183 11.10 5.01 6.99
C ASN A 183 10.70 5.28 5.54
N ALA A 184 11.26 6.30 4.92
CA ALA A 184 10.92 6.61 3.54
C ALA A 184 11.41 5.54 2.57
N THR A 185 12.43 4.78 2.95
CA THR A 185 13.02 3.78 2.07
C THR A 185 12.42 2.40 2.25
N PHE A 186 12.01 2.04 3.47
CA PHE A 186 11.67 0.66 3.78
C PHE A 186 10.26 0.44 4.30
N GLU A 187 9.53 1.48 4.68
CA GLU A 187 8.23 1.30 5.32
C GLU A 187 7.13 1.20 4.28
N HIS A 188 6.13 0.37 4.59
CA HIS A 188 4.95 0.17 3.75
C HIS A 188 5.31 -0.42 2.40
N PHE A 189 6.37 -1.24 2.38
CA PHE A 189 6.77 -1.97 1.20
C PHE A 189 6.75 -3.45 1.52
N PRO A 190 6.33 -4.29 0.58
CA PRO A 190 6.40 -5.74 0.79
C PRO A 190 7.84 -6.23 0.69
N LEU A 191 8.04 -7.50 1.03
CA LEU A 191 9.36 -8.11 0.86
C LEU A 191 9.79 -8.11 -0.60
N ALA A 192 8.82 -8.14 -1.52
CA ALA A 192 9.14 -8.15 -2.94
C ALA A 192 9.83 -6.87 -3.38
N ALA A 193 9.63 -5.76 -2.67
CA ALA A 193 10.26 -4.50 -3.00
C ALA A 193 11.44 -4.15 -2.10
N VAL A 194 11.45 -4.66 -0.88
CA VAL A 194 12.51 -4.32 0.06
C VAL A 194 13.81 -5.03 -0.32
N ILE A 195 13.72 -6.27 -0.78
CA ILE A 195 14.91 -6.98 -1.25
C ILE A 195 15.57 -6.27 -2.43
N PRO A 196 14.84 -5.86 -3.47
CA PRO A 196 15.48 -5.05 -4.52
C PRO A 196 16.07 -3.74 -4.01
N PHE A 197 15.50 -3.14 -2.97
CA PHE A 197 16.10 -1.93 -2.42
C PHE A 197 17.47 -2.20 -1.81
N ILE A 198 17.60 -3.30 -1.07
CA ILE A 198 18.89 -3.64 -0.49
C ILE A 198 19.86 -4.06 -1.58
N THR A 199 19.38 -4.74 -2.61
CA THR A 199 20.25 -5.05 -3.74
C THR A 199 20.68 -3.79 -4.48
N GLY A 200 19.82 -2.78 -4.54
CA GLY A 200 20.22 -1.51 -5.11
C GLY A 200 21.26 -0.80 -4.28
N ILE A 201 21.16 -0.90 -2.95
CA ILE A 201 22.21 -0.36 -2.09
C ILE A 201 23.52 -1.10 -2.33
N GLN A 202 23.45 -2.43 -2.48
CA GLN A 202 24.64 -3.20 -2.81
C GLN A 202 25.23 -2.78 -4.14
N ALA A 203 24.38 -2.53 -5.13
CA ALA A 203 24.85 -2.06 -6.43
C ALA A 203 25.51 -0.70 -6.33
N ASN A 204 24.94 0.19 -5.51
CA ASN A 204 25.57 1.48 -5.28
C ASN A 204 26.94 1.32 -4.65
N VAL A 205 27.06 0.42 -3.68
CA VAL A 205 28.36 0.16 -3.05
C VAL A 205 29.35 -0.37 -4.07
N ARG A 206 28.91 -1.30 -4.92
CA ARG A 206 29.81 -1.87 -5.92
C ARG A 206 30.23 -0.83 -6.95
N ASN A 207 29.32 0.04 -7.38
CA ASN A 207 29.68 1.08 -8.34
C ASN A 207 30.64 2.09 -7.74
N ALA A 208 30.39 2.51 -6.49
CA ALA A 208 31.30 3.43 -5.83
C ALA A 208 32.68 2.80 -5.66
N GLU A 209 32.73 1.54 -5.25
CA GLU A 209 34.01 0.85 -5.14
C GLU A 209 34.68 0.75 -6.50
N ALA A 210 33.90 0.46 -7.55
CA ALA A 210 34.48 0.29 -8.87
C ALA A 210 35.15 1.57 -9.35
N ASP A 211 34.47 2.71 -9.23
CA ASP A 211 35.10 3.91 -9.75
C ASP A 211 36.09 4.54 -8.77
N ILE A 212 36.05 4.19 -7.49
CA ILE A 212 37.15 4.57 -6.60
C ILE A 212 38.41 3.79 -6.96
N ILE A 213 38.27 2.48 -7.21
CA ILE A 213 39.40 1.69 -7.68
C ILE A 213 39.92 2.21 -9.01
N SER A 214 39.01 2.58 -9.91
CA SER A 214 39.44 3.15 -11.18
C SER A 214 40.19 4.46 -10.96
N HIS A 215 39.77 5.26 -9.99
CA HIS A 215 40.49 6.49 -9.68
C HIS A 215 41.86 6.20 -9.09
N LEU A 216 41.95 5.24 -8.15
CA LEU A 216 43.23 4.92 -7.54
C LEU A 216 44.16 4.25 -8.55
N GLN A 217 43.60 3.58 -9.56
CA GLN A 217 44.44 2.91 -10.54
C GLN A 217 45.14 3.91 -11.46
N ARG A 218 44.50 5.04 -11.73
CA ARG A 218 45.13 6.07 -12.55
C ARG A 218 46.36 6.64 -11.88
N ASN A 219 46.38 6.72 -10.56
CA ASN A 219 47.52 7.29 -9.85
C ASN A 219 48.77 6.42 -9.94
N ILE A 220 48.62 5.16 -10.36
CA ILE A 220 49.77 4.29 -10.54
C ILE A 220 50.58 4.75 -11.74
N LYS B 5 -29.15 7.61 21.55
CA LYS B 5 -28.05 6.80 22.05
C LYS B 5 -27.48 5.91 20.95
N LEU B 6 -26.18 5.71 20.97
CA LEU B 6 -25.49 4.85 20.01
C LEU B 6 -25.11 3.53 20.67
N SER B 7 -25.26 2.44 19.93
CA SER B 7 -24.87 1.15 20.43
C SER B 7 -23.35 1.06 20.53
N PRO B 8 -22.83 0.14 21.36
CA PRO B 8 -21.37 0.00 21.46
C PRO B 8 -20.71 -0.33 20.13
N ARG B 9 -21.39 -1.10 19.27
CA ARG B 9 -20.86 -1.37 17.93
C ARG B 9 -20.78 -0.10 17.11
N GLN B 10 -21.79 0.77 17.20
CA GLN B 10 -21.81 1.98 16.39
C GLN B 10 -20.75 2.98 16.83
N ARG B 11 -20.51 3.09 18.14
CA ARG B 11 -19.44 3.96 18.62
C ARG B 11 -18.09 3.48 18.12
N MET B 12 -17.87 2.16 18.15
CA MET B 12 -16.64 1.59 17.61
C MET B 12 -16.51 1.89 16.14
N ILE B 13 -17.59 1.77 15.37
CA ILE B 13 -17.50 2.05 13.94
C ILE B 13 -17.18 3.51 13.69
N ASN B 14 -17.83 4.41 14.42
CA ASN B 14 -17.60 5.83 14.24
C ASN B 14 -16.17 6.22 14.59
N MET B 15 -15.58 5.56 15.57
CA MET B 15 -14.20 5.89 15.91
C MET B 15 -13.22 5.17 14.99
N MET B 16 -13.58 4.00 14.47
CA MET B 16 -12.69 3.15 13.70
C MET B 16 -12.65 3.45 12.22
N TYR B 17 -13.65 4.11 11.63
CA TYR B 17 -13.54 4.26 10.18
C TYR B 17 -12.44 5.26 9.86
N LEU B 18 -12.22 6.23 10.76
CA LEU B 18 -11.11 7.17 10.59
C LEU B 18 -9.77 6.48 10.76
N VAL B 19 -9.67 5.52 11.69
CA VAL B 19 -8.44 4.76 11.86
C VAL B 19 -8.18 3.89 10.64
N LEU B 20 -9.23 3.30 10.08
CA LEU B 20 -9.06 2.52 8.86
C LEU B 20 -8.72 3.42 7.67
N THR B 21 -9.23 4.64 7.65
CA THR B 21 -8.81 5.61 6.63
C THR B 21 -7.33 5.93 6.76
N ALA B 22 -6.85 6.12 7.99
CA ALA B 22 -5.43 6.34 8.22
C ALA B 22 -4.61 5.13 7.79
N LEU B 23 -5.09 3.93 8.10
CA LEU B 23 -4.40 2.72 7.69
C LEU B 23 -4.36 2.59 6.17
N LEU B 24 -5.44 2.96 5.49
CA LEU B 24 -5.44 2.96 4.04
C LEU B 24 -4.44 3.98 3.50
N ALA B 25 -4.39 5.17 4.10
CA ALA B 25 -3.44 6.19 3.66
C ALA B 25 -2.01 5.71 3.84
N LEU B 26 -1.74 4.97 4.92
CA LEU B 26 -0.41 4.40 5.10
C LEU B 26 -0.14 3.26 4.13
N ASN B 27 -1.18 2.50 3.77
CA ASN B 27 -1.04 1.39 2.86
C ASN B 27 -0.54 1.84 1.48
N ILE B 28 -1.03 2.99 1.02
CA ILE B 28 -0.80 3.45 -0.35
C ILE B 28 0.09 4.68 -0.39
N SER B 29 0.76 5.01 0.73
CA SER B 29 1.59 6.21 0.77
C SER B 29 2.79 6.13 -0.15
N LYS B 30 3.20 4.92 -0.54
CA LYS B 30 4.34 4.72 -1.42
C LYS B 30 3.85 4.28 -2.79
N ASP B 31 4.34 4.95 -3.83
CA ASP B 31 4.06 4.53 -5.20
C ASP B 31 5.04 3.43 -5.59
N ILE B 32 4.51 2.23 -5.86
CA ILE B 32 5.39 1.12 -6.20
C ILE B 32 5.96 1.28 -7.61
N LEU B 33 5.39 2.17 -8.41
CA LEU B 33 5.96 2.44 -9.73
C LEU B 33 7.20 3.31 -9.63
N GLU B 34 7.21 4.26 -8.69
CA GLU B 34 8.44 5.02 -8.44
C GLU B 34 9.55 4.13 -7.91
N ALA B 35 9.20 3.09 -7.14
CA ALA B 35 10.19 2.12 -6.71
C ALA B 35 10.80 1.40 -7.90
N LEU B 36 9.95 0.99 -8.86
CA LEU B 36 10.46 0.34 -10.07
C LEU B 36 11.34 1.29 -10.86
N THR B 37 10.96 2.56 -10.92
CA THR B 37 11.77 3.54 -11.66
C THR B 37 13.14 3.72 -11.01
N LYS B 38 13.17 3.85 -9.68
CA LYS B 38 14.45 4.03 -8.98
C LYS B 38 15.34 2.79 -9.12
N LEU B 39 14.74 1.61 -9.04
CA LEU B 39 15.51 0.39 -9.23
C LEU B 39 16.00 0.28 -10.67
N ASN B 40 15.24 0.78 -11.63
CA ASN B 40 15.71 0.84 -13.00
C ASN B 40 16.91 1.77 -13.13
N GLU B 41 16.90 2.90 -12.42
CA GLU B 41 18.07 3.78 -12.44
C GLU B 41 19.29 3.09 -11.84
N ASP B 42 19.10 2.35 -10.75
CA ASP B 42 20.23 1.61 -10.17
C ASP B 42 20.77 0.56 -11.14
N LEU B 43 19.86 -0.16 -11.82
CA LEU B 43 20.28 -1.15 -12.79
C LEU B 43 21.03 -0.50 -13.96
N SER B 44 20.54 0.64 -14.44
CA SER B 44 21.23 1.34 -15.52
C SER B 44 22.61 1.79 -15.10
N SER B 45 22.74 2.28 -13.87
CA SER B 45 24.06 2.69 -13.37
C SER B 45 25.01 1.51 -13.30
N THR B 46 24.52 0.35 -12.84
CA THR B 46 25.40 -0.81 -12.76
C THR B 46 25.80 -1.31 -14.14
N VAL B 47 24.89 -1.24 -15.10
CA VAL B 47 25.22 -1.61 -16.48
C VAL B 47 26.26 -0.65 -17.06
N MET B 48 26.14 0.64 -16.75
CA MET B 48 27.14 1.60 -17.18
C MET B 48 28.49 1.27 -16.58
N THR B 49 28.52 0.87 -15.31
CA THR B 49 29.77 0.44 -14.70
C THR B 49 30.36 -0.77 -15.43
N VAL B 50 29.50 -1.73 -15.78
CA VAL B 50 29.98 -2.93 -16.48
C VAL B 50 30.60 -2.56 -17.82
N GLU B 51 29.91 -1.69 -18.58
CA GLU B 51 30.42 -1.35 -19.90
C GLU B 51 31.66 -0.47 -19.81
N LYS B 52 31.77 0.37 -18.78
CA LYS B 52 33.02 1.08 -18.54
C LYS B 52 34.16 0.12 -18.27
N LYS B 53 33.91 -0.91 -17.47
CA LYS B 53 34.97 -1.87 -17.17
C LYS B 53 35.37 -2.68 -18.39
N LEU B 54 34.40 -3.09 -19.21
CA LEU B 54 34.75 -3.87 -20.40
C LEU B 54 35.26 -3.01 -21.55
N ALA B 55 35.13 -1.68 -21.46
CA ALA B 55 35.81 -0.82 -22.41
C ALA B 55 37.32 -0.88 -22.28
N PHE B 56 37.83 -1.21 -21.10
CA PHE B 56 39.27 -1.40 -20.88
C PHE B 56 39.80 -2.68 -21.49
N ILE B 57 38.98 -3.74 -21.54
CA ILE B 57 39.41 -4.96 -22.20
C ILE B 57 39.59 -4.76 -23.70
N TYR B 58 38.82 -3.88 -24.32
CA TYR B 58 39.04 -3.51 -25.70
C TYR B 58 40.38 -2.80 -25.91
N GLN B 59 40.74 -1.89 -25.01
CA GLN B 59 42.07 -1.27 -25.06
C GLN B 59 43.15 -2.32 -24.86
N ALA B 60 42.90 -3.29 -23.97
CA ALA B 60 43.85 -4.37 -23.76
C ALA B 60 44.06 -5.18 -25.03
N PHE B 61 42.96 -5.53 -25.72
CA PHE B 61 43.08 -6.24 -26.98
C PHE B 61 43.84 -5.41 -28.01
N ASP B 62 43.53 -4.11 -28.10
CA ASP B 62 44.21 -3.24 -29.04
C ASP B 62 45.71 -3.23 -28.80
N LEU B 63 46.11 -3.02 -27.55
CA LEU B 63 47.54 -2.93 -27.25
C LEU B 63 48.22 -4.29 -27.40
N ALA B 64 47.52 -5.38 -27.06
CA ALA B 64 48.11 -6.70 -27.20
C ALA B 64 48.37 -7.06 -28.64
N ALA B 65 47.40 -6.78 -29.53
CA ALA B 65 47.57 -7.14 -30.93
C ALA B 65 48.24 -6.05 -31.76
N SER B 66 48.53 -4.89 -31.17
CA SER B 66 49.27 -3.86 -31.87
C SER B 66 50.78 -4.05 -31.80
N GLU B 67 51.25 -5.14 -31.21
CA GLU B 67 52.68 -5.38 -31.11
C GLU B 67 53.06 -6.74 -31.70
N ASN B 68 52.12 -7.69 -31.69
CA ASN B 68 52.37 -9.02 -32.26
C ASN B 68 51.06 -9.60 -32.78
N PRO B 69 50.63 -9.17 -33.97
CA PRO B 69 49.33 -9.61 -34.49
C PRO B 69 49.30 -11.07 -34.91
N GLU B 70 50.44 -11.77 -34.95
CA GLU B 70 50.46 -13.16 -35.37
C GLU B 70 49.66 -14.06 -34.45
N LYS B 71 49.41 -13.64 -33.21
CA LYS B 71 48.67 -14.44 -32.25
C LYS B 71 47.52 -13.72 -31.57
N ALA B 72 47.50 -12.38 -31.57
CA ALA B 72 46.47 -11.65 -30.85
C ALA B 72 45.46 -10.97 -31.77
N GLY B 73 45.85 -10.64 -33.00
CA GLY B 73 44.94 -9.98 -33.91
C GLY B 73 43.77 -10.86 -34.30
N VAL B 74 44.02 -12.16 -34.46
CA VAL B 74 42.95 -13.10 -34.79
C VAL B 74 41.91 -13.16 -33.68
N TRP B 75 42.30 -12.85 -32.45
CA TRP B 75 41.35 -12.77 -31.35
C TRP B 75 40.76 -11.38 -31.16
N ARG B 76 41.46 -10.31 -31.54
CA ARG B 76 40.82 -9.00 -31.54
C ARG B 76 39.68 -8.98 -32.54
N ASP B 77 39.93 -9.50 -33.75
CA ASP B 77 38.87 -9.54 -34.75
C ASP B 77 37.70 -10.40 -34.28
N LYS B 78 37.99 -11.52 -33.63
CA LYS B 78 36.94 -12.34 -33.06
C LYS B 78 36.28 -11.69 -31.85
N ALA B 79 36.88 -10.64 -31.29
CA ALA B 79 36.30 -9.95 -30.14
C ALA B 79 35.52 -8.70 -30.54
N TYR B 80 36.08 -7.87 -31.42
CA TYR B 80 35.37 -6.67 -31.85
C TYR B 80 34.09 -6.99 -32.61
N GLU B 81 33.98 -8.20 -33.16
CA GLU B 81 32.70 -8.63 -33.72
C GLU B 81 31.66 -8.79 -32.62
N VAL B 82 32.07 -9.31 -31.46
CA VAL B 82 31.17 -9.37 -30.31
C VAL B 82 30.79 -7.96 -29.87
N LYS B 83 31.76 -7.05 -29.86
CA LYS B 83 31.50 -5.69 -29.43
C LYS B 83 30.46 -5.02 -30.33
N LYS B 84 30.59 -5.18 -31.65
CA LYS B 84 29.68 -4.53 -32.58
C LYS B 84 28.26 -5.05 -32.40
N GLN B 85 28.10 -6.38 -32.31
CA GLN B 85 26.77 -6.96 -32.15
C GLN B 85 26.15 -6.54 -30.81
N ALA B 86 26.94 -6.58 -29.74
CA ALA B 86 26.42 -6.21 -28.43
C ALA B 86 26.00 -4.75 -28.41
N ASP B 87 26.81 -3.86 -28.97
CA ASP B 87 26.46 -2.45 -28.98
C ASP B 87 25.24 -2.18 -29.85
N GLU B 88 25.13 -2.89 -30.98
CA GLU B 88 23.96 -2.71 -31.84
C GLU B 88 22.68 -3.14 -31.12
N LEU B 89 22.73 -4.29 -30.44
CA LEU B 89 21.55 -4.75 -29.70
C LEU B 89 21.22 -3.80 -28.55
N HIS B 90 22.25 -3.30 -27.85
CA HIS B 90 22.01 -2.36 -26.77
C HIS B 90 21.36 -1.08 -27.29
N ASN B 91 21.84 -0.57 -28.42
CA ASN B 91 21.25 0.62 -29.01
C ASN B 91 19.82 0.37 -29.48
N TYR B 92 19.56 -0.82 -30.01
CA TYR B 92 18.19 -1.18 -30.39
C TYR B 92 17.27 -1.13 -29.18
N LEU B 93 17.68 -1.75 -28.08
CA LEU B 93 16.83 -1.79 -26.90
C LEU B 93 16.66 -0.40 -26.30
N GLU B 94 17.71 0.42 -26.33
CA GLU B 94 17.59 1.79 -25.85
C GLU B 94 16.62 2.59 -26.72
N GLY B 95 16.66 2.38 -28.03
CA GLY B 95 15.69 3.03 -28.91
C GLY B 95 14.27 2.59 -28.63
N ILE B 96 14.09 1.30 -28.31
CA ILE B 96 12.77 0.81 -27.94
C ILE B 96 12.28 1.47 -26.66
N LYS B 97 13.16 1.62 -25.67
CA LYS B 97 12.79 2.31 -24.44
C LYS B 97 12.41 3.76 -24.73
N ASN B 98 13.18 4.44 -25.58
CA ASN B 98 12.87 5.83 -25.93
C ASN B 98 11.53 5.92 -26.65
N ASP B 99 11.25 4.98 -27.55
CA ASP B 99 9.97 4.98 -28.25
C ASP B 99 8.82 4.78 -27.27
N LEU B 100 8.99 3.86 -26.31
CA LEU B 100 7.93 3.62 -25.34
C LEU B 100 7.68 4.85 -24.48
N ILE B 101 8.75 5.53 -24.07
CA ILE B 101 8.57 6.76 -23.29
C ILE B 101 7.92 7.85 -24.13
N GLU B 102 8.25 7.90 -25.42
CA GLU B 102 7.79 9.01 -26.27
C GLU B 102 6.30 8.91 -26.57
N ILE B 103 5.80 7.70 -26.85
CA ILE B 103 4.41 7.55 -27.25
C ILE B 103 3.49 7.63 -26.04
N THR B 104 4.08 7.77 -24.86
CA THR B 104 3.33 7.78 -23.62
C THR B 104 3.19 9.19 -23.02
N GLY B 105 4.09 10.10 -23.35
CA GLY B 105 4.02 11.45 -22.81
C GLY B 105 5.38 12.09 -22.61
N GLY B 106 6.44 11.30 -22.75
CA GLY B 106 7.78 11.83 -22.67
C GLY B 106 8.27 12.01 -21.25
N ILE B 107 9.46 12.59 -21.15
CA ILE B 107 10.11 12.80 -19.87
C ILE B 107 9.47 13.98 -19.16
N ASP B 108 9.11 13.78 -17.89
CA ASP B 108 8.51 14.84 -17.10
C ASP B 108 9.49 16.01 -16.97
N GLU B 109 8.94 17.22 -16.97
CA GLU B 109 9.77 18.43 -16.99
C GLU B 109 10.56 18.58 -15.70
N LYS B 110 9.96 18.24 -14.56
CA LYS B 110 10.60 18.44 -13.26
C LYS B 110 11.25 17.18 -12.71
N THR B 111 10.54 16.05 -12.71
CA THR B 111 11.04 14.84 -12.08
C THR B 111 12.03 14.06 -12.94
N ASN B 112 12.20 14.45 -14.20
CA ASN B 112 13.15 13.77 -15.11
C ASN B 112 12.83 12.28 -15.20
N ARG B 113 11.55 11.96 -15.31
CA ARG B 113 11.08 10.59 -15.38
C ARG B 113 9.93 10.54 -16.38
N PRO B 114 9.65 9.38 -16.96
CA PRO B 114 8.52 9.28 -17.90
C PRO B 114 7.23 9.72 -17.25
N LYS B 115 6.43 10.46 -18.02
CA LYS B 115 5.20 11.03 -17.47
C LYS B 115 4.17 9.95 -17.16
N GLY B 116 3.94 9.05 -18.11
CA GLY B 116 3.00 7.97 -17.89
C GLY B 116 3.67 6.68 -17.48
N LEU B 117 3.67 6.40 -16.18
CA LEU B 117 4.27 5.17 -15.68
C LEU B 117 3.25 4.05 -15.50
N ASP B 118 1.97 4.33 -15.67
CA ASP B 118 0.91 3.32 -15.61
C ASP B 118 0.01 3.45 -16.83
N ASN B 119 0.63 3.45 -18.01
CA ASN B 119 -0.09 3.73 -19.25
C ASN B 119 -0.05 2.45 -20.08
N ARG B 120 -0.39 1.33 -19.44
CA ARG B 120 -0.31 0.00 -20.02
C ARG B 120 -1.23 -0.22 -21.21
N GLU B 121 -1.97 0.77 -21.74
CA GLU B 121 -2.70 0.56 -22.98
C GLU B 121 -1.78 0.73 -24.18
N LYS B 122 -1.19 1.93 -24.32
CA LYS B 122 -0.27 2.18 -25.43
C LYS B 122 0.93 1.24 -25.36
N VAL B 123 1.42 0.96 -24.17
CA VAL B 123 2.53 0.03 -24.02
C VAL B 123 2.16 -1.34 -24.56
N ALA B 124 0.97 -1.82 -24.20
CA ALA B 124 0.54 -3.14 -24.66
C ALA B 124 0.35 -3.19 -26.15
N ASN B 125 -0.25 -2.15 -26.74
CA ASN B 125 -0.48 -2.20 -28.19
C ASN B 125 0.83 -2.07 -28.96
N TYR B 126 1.76 -1.26 -28.47
CA TYR B 126 3.07 -1.15 -29.11
C TYR B 126 3.84 -2.45 -29.02
N LEU B 127 3.82 -3.10 -27.85
CA LEU B 127 4.62 -4.30 -27.67
C LEU B 127 4.01 -5.54 -28.32
N LEU B 128 2.68 -5.64 -28.37
CA LEU B 128 2.04 -6.89 -28.76
C LEU B 128 1.01 -6.78 -29.88
N VAL B 129 0.60 -5.58 -30.28
CA VAL B 129 -0.52 -5.45 -31.21
C VAL B 129 -0.09 -4.78 -32.51
N ASN B 130 0.41 -3.55 -32.41
CA ASN B 130 0.69 -2.75 -33.59
C ASN B 130 1.72 -3.44 -34.48
N GLU B 131 1.34 -3.69 -35.73
CA GLU B 131 2.21 -4.34 -36.72
C GLU B 131 2.73 -5.68 -36.21
N GLY B 132 1.89 -6.39 -35.46
CA GLY B 132 2.27 -7.65 -34.87
C GLY B 132 3.04 -7.53 -33.57
N GLY B 133 3.35 -6.32 -33.12
CA GLY B 133 4.07 -6.14 -31.88
C GLY B 133 5.57 -6.05 -32.05
N LYS B 134 6.18 -5.06 -31.40
CA LYS B 134 7.63 -4.90 -31.47
C LYS B 134 8.36 -6.00 -30.69
N ALA B 135 7.67 -6.71 -29.80
CA ALA B 135 8.32 -7.73 -28.99
C ALA B 135 8.78 -8.92 -29.84
N ARG B 136 8.08 -9.21 -30.93
CA ARG B 136 8.54 -10.28 -31.82
C ARG B 136 9.89 -9.94 -32.44
N GLU B 137 10.07 -8.69 -32.85
CA GLU B 137 11.39 -8.27 -33.33
C GLU B 137 12.43 -8.36 -32.21
N ILE B 138 12.02 -8.06 -30.98
CA ILE B 138 12.93 -8.16 -29.85
C ILE B 138 13.44 -9.60 -29.70
N ARG B 139 12.52 -10.56 -29.70
CA ARG B 139 12.96 -11.95 -29.53
C ARG B 139 13.74 -12.43 -30.75
N ALA B 140 13.38 -11.96 -31.94
CA ALA B 140 14.14 -12.33 -33.13
C ALA B 140 15.59 -11.89 -33.02
N ARG B 141 15.81 -10.64 -32.61
CA ARG B 141 17.18 -10.16 -32.49
C ARG B 141 17.89 -10.78 -31.28
N LEU B 142 17.15 -11.10 -30.22
CA LEU B 142 17.76 -11.81 -29.11
C LEU B 142 18.25 -13.19 -29.53
N GLU B 143 17.44 -13.92 -30.31
CA GLU B 143 17.85 -15.23 -30.81
C GLU B 143 19.04 -15.10 -31.76
N GLN B 144 19.02 -14.08 -32.62
CA GLN B 144 20.16 -13.86 -33.52
C GLN B 144 21.43 -13.62 -32.73
N PHE B 145 21.37 -12.76 -31.71
CA PHE B 145 22.53 -12.48 -30.89
C PHE B 145 23.00 -13.73 -30.16
N ARG B 146 22.06 -14.51 -29.63
CA ARG B 146 22.43 -15.74 -28.92
C ARG B 146 23.15 -16.71 -29.84
N ASP B 147 22.65 -16.89 -31.06
CA ASP B 147 23.30 -17.80 -31.99
C ASP B 147 24.67 -17.30 -32.40
N ASN B 148 24.80 -15.99 -32.67
CA ASN B 148 26.09 -15.45 -33.04
C ASN B 148 27.10 -15.59 -31.91
N MET B 149 26.66 -15.39 -30.67
CA MET B 149 27.56 -15.57 -29.53
C MET B 149 27.92 -17.03 -29.34
N LYS B 150 26.99 -17.95 -29.60
CA LYS B 150 27.32 -19.36 -29.53
C LYS B 150 28.38 -19.72 -30.56
N GLN B 151 28.32 -19.14 -31.74
CA GLN B 151 29.33 -19.43 -32.75
C GLN B 151 30.60 -18.60 -32.59
N TYR B 152 30.60 -17.60 -31.70
CA TYR B 152 31.83 -16.94 -31.27
C TYR B 152 32.45 -17.53 -30.02
N VAL B 153 31.88 -18.60 -29.46
CA VAL B 153 32.51 -19.32 -28.36
C VAL B 153 32.84 -20.73 -28.85
N ASP B 154 34.12 -20.95 -29.14
CA ASP B 154 34.59 -22.24 -29.65
C ASP B 154 35.11 -23.13 -28.52
N GLU B 155 34.31 -23.28 -27.47
CA GLU B 155 34.69 -24.15 -26.36
C GLU B 155 33.56 -25.05 -25.86
N GLU B 156 32.29 -24.70 -26.08
CA GLU B 156 31.15 -25.49 -25.61
C GLU B 156 31.24 -25.74 -24.10
N ALA B 157 31.64 -24.71 -23.36
CA ALA B 157 31.76 -24.78 -21.91
C ALA B 157 30.41 -24.41 -21.29
N ALA B 158 30.41 -24.12 -19.98
CA ALA B 158 29.20 -23.69 -19.29
C ALA B 158 28.68 -22.35 -19.80
N LEU B 159 29.47 -21.62 -20.58
CA LEU B 159 28.98 -20.40 -21.21
C LEU B 159 27.75 -20.66 -22.06
N ILE B 160 27.67 -21.83 -22.69
CA ILE B 160 26.50 -22.19 -23.48
C ILE B 160 25.26 -22.21 -22.60
N ASN B 161 25.37 -22.77 -21.39
CA ASN B 161 24.25 -22.75 -20.46
C ASN B 161 23.88 -21.33 -20.09
N MET B 162 24.89 -20.47 -19.88
CA MET B 162 24.63 -19.06 -19.59
C MET B 162 23.87 -18.40 -20.74
N LEU B 163 24.34 -18.61 -21.98
CA LEU B 163 23.69 -17.99 -23.13
C LEU B 163 22.26 -18.49 -23.31
N GLU B 164 22.05 -19.79 -23.14
CA GLU B 164 20.70 -20.33 -23.26
C GLU B 164 19.79 -19.88 -22.13
N ALA B 165 20.36 -19.57 -20.96
CA ALA B 165 19.56 -19.16 -19.82
C ALA B 165 19.21 -17.69 -19.86
N LEU B 166 20.19 -16.82 -20.13
CA LEU B 166 19.92 -15.39 -20.17
C LEU B 166 18.94 -15.04 -21.29
N PHE B 167 19.14 -15.62 -22.47
CA PHE B 167 18.33 -15.33 -23.65
C PHE B 167 17.33 -16.43 -23.94
N ASN B 168 16.74 -17.01 -22.89
CA ASN B 168 15.78 -18.09 -23.04
C ASN B 168 14.48 -17.57 -23.63
N THR B 169 14.33 -17.67 -24.94
CA THR B 169 13.11 -17.27 -25.62
C THR B 169 12.09 -18.40 -25.74
N GLU B 170 12.39 -19.56 -25.15
CA GLU B 170 11.50 -20.71 -25.23
C GLU B 170 10.19 -20.44 -24.49
N LYS B 171 9.17 -21.18 -24.87
CA LYS B 171 7.86 -21.05 -24.23
C LYS B 171 7.95 -21.40 -22.76
N LYS B 172 7.22 -20.63 -21.94
CA LYS B 172 7.11 -20.90 -20.51
C LYS B 172 5.65 -21.14 -20.18
N LYS B 173 5.38 -22.25 -19.50
CA LYS B 173 4.02 -22.69 -19.23
C LYS B 173 3.59 -22.24 -17.84
N VAL B 174 2.49 -21.50 -17.79
CA VAL B 174 1.88 -21.09 -16.52
C VAL B 174 0.52 -21.77 -16.43
N GLY B 175 0.31 -22.53 -15.35
CA GLY B 175 -0.91 -23.29 -15.21
C GLY B 175 -1.14 -24.29 -16.34
N ASP B 176 -0.06 -24.89 -16.84
CA ASP B 176 -0.12 -25.79 -17.99
C ASP B 176 -0.79 -25.14 -19.19
N VAL B 177 -0.51 -23.85 -19.39
CA VAL B 177 -1.03 -23.09 -20.52
C VAL B 177 0.14 -22.52 -21.29
N MET B 178 0.09 -22.62 -22.62
CA MET B 178 1.17 -22.17 -23.48
C MET B 178 1.02 -20.69 -23.79
N ILE B 179 2.09 -19.94 -23.57
CA ILE B 179 2.17 -18.53 -23.94
C ILE B 179 3.55 -18.26 -24.51
N GLU B 180 3.61 -17.42 -25.53
CA GLU B 180 4.89 -17.09 -26.15
C GLU B 180 5.75 -16.29 -25.19
N TRP B 181 7.03 -16.16 -25.54
CA TRP B 181 7.95 -15.38 -24.72
C TRP B 181 7.54 -13.92 -24.68
N GLU B 182 7.03 -13.38 -25.79
CA GLU B 182 6.64 -11.98 -25.81
C GLU B 182 5.39 -11.71 -24.97
N ASN B 183 4.58 -12.73 -24.71
CA ASN B 183 3.39 -12.57 -23.88
C ASN B 183 3.68 -12.83 -22.41
N ALA B 184 4.71 -13.62 -22.10
CA ALA B 184 5.10 -13.88 -20.73
C ALA B 184 6.08 -12.85 -20.20
N THR B 185 6.29 -11.75 -20.92
CA THR B 185 7.28 -10.77 -20.51
C THR B 185 6.72 -9.35 -20.53
N PHE B 186 5.75 -9.08 -21.40
CA PHE B 186 5.28 -7.72 -21.59
C PHE B 186 3.77 -7.55 -21.48
N GLU B 187 3.03 -8.59 -21.17
CA GLU B 187 1.57 -8.50 -21.14
C GLU B 187 1.09 -8.03 -19.77
N HIS B 188 0.12 -7.11 -19.79
CA HIS B 188 -0.53 -6.59 -18.58
C HIS B 188 0.47 -5.89 -17.65
N PHE B 189 1.52 -5.32 -18.22
CA PHE B 189 2.49 -4.58 -17.44
C PHE B 189 2.40 -3.10 -17.78
N PRO B 190 2.55 -2.22 -16.79
CA PRO B 190 2.60 -0.78 -17.09
C PRO B 190 3.96 -0.41 -17.67
N LEU B 191 4.07 0.85 -18.07
CA LEU B 191 5.34 1.35 -18.57
C LEU B 191 6.41 1.33 -17.49
N ALA B 192 6.02 1.48 -16.23
CA ALA B 192 6.99 1.49 -15.14
C ALA B 192 7.68 0.15 -14.96
N ALA B 193 7.09 -0.95 -15.44
CA ALA B 193 7.68 -2.27 -15.30
C ALA B 193 8.30 -2.77 -16.58
N VAL B 194 7.83 -2.30 -17.73
CA VAL B 194 8.39 -2.75 -19.00
C VAL B 194 9.80 -2.21 -19.21
N ILE B 195 10.01 -0.93 -18.88
CA ILE B 195 11.33 -0.33 -19.04
C ILE B 195 12.37 -1.07 -18.20
N PRO B 196 12.14 -1.42 -16.94
CA PRO B 196 13.09 -2.29 -16.24
C PRO B 196 13.32 -3.61 -16.92
N PHE B 197 12.33 -4.18 -17.61
CA PHE B 197 12.56 -5.44 -18.31
C PHE B 197 13.50 -5.26 -19.50
N ILE B 198 13.32 -4.20 -20.27
CA ILE B 198 14.21 -3.94 -21.39
C ILE B 198 15.61 -3.60 -20.88
N THR B 199 15.70 -2.88 -19.77
CA THR B 199 17.01 -2.62 -19.18
C THR B 199 17.64 -3.90 -18.63
N GLY B 200 16.83 -4.84 -18.15
CA GLY B 200 17.36 -6.13 -17.77
C GLY B 200 17.88 -6.92 -18.95
N ILE B 201 17.20 -6.82 -20.09
CA ILE B 201 17.71 -7.45 -21.31
C ILE B 201 19.03 -6.81 -21.72
N GLN B 202 19.13 -5.49 -21.60
CA GLN B 202 20.40 -4.81 -21.87
C GLN B 202 21.48 -5.26 -20.91
N ALA B 203 21.14 -5.43 -19.63
CA ALA B 203 22.09 -5.94 -18.65
C ALA B 203 22.54 -7.35 -19.01
N ASN B 204 21.60 -8.19 -19.47
CA ASN B 204 21.95 -9.53 -19.90
C ASN B 204 22.89 -9.49 -21.10
N VAL B 205 22.64 -8.59 -22.05
CA VAL B 205 23.52 -8.44 -23.19
C VAL B 205 24.92 -8.03 -22.74
N ARG B 206 25.00 -7.08 -21.81
CA ARG B 206 26.30 -6.62 -21.33
C ARG B 206 27.02 -7.73 -20.56
N ASN B 207 26.31 -8.47 -19.73
CA ASN B 207 26.93 -9.57 -18.98
C ASN B 207 27.42 -10.66 -19.93
N ALA B 208 26.61 -11.00 -20.93
CA ALA B 208 27.04 -11.99 -21.92
C ALA B 208 28.26 -11.51 -22.68
N GLU B 209 28.27 -10.25 -23.10
CA GLU B 209 29.45 -9.71 -23.77
C GLU B 209 30.67 -9.76 -22.87
N ALA B 210 30.50 -9.41 -21.59
CA ALA B 210 31.62 -9.39 -20.66
C ALA B 210 32.20 -10.79 -20.47
N ASP B 211 31.35 -11.78 -20.18
CA ASP B 211 31.91 -13.09 -19.87
C ASP B 211 32.17 -13.93 -21.11
N ILE B 212 31.80 -13.46 -22.31
CA ILE B 212 32.33 -14.07 -23.53
C ILE B 212 33.69 -13.49 -23.87
N ILE B 213 33.85 -12.18 -23.70
CA ILE B 213 35.14 -11.56 -23.96
C ILE B 213 36.18 -12.05 -22.95
N SER B 214 35.76 -12.26 -21.70
CA SER B 214 36.67 -12.77 -20.68
C SER B 214 37.22 -14.13 -21.08
N HIS B 215 36.36 -15.04 -21.54
CA HIS B 215 36.83 -16.32 -22.03
C HIS B 215 37.67 -16.15 -23.28
N LEU B 216 37.27 -15.25 -24.16
CA LEU B 216 38.00 -14.97 -25.39
C LEU B 216 39.27 -14.16 -25.14
N GLN B 217 39.49 -13.70 -23.91
CA GLN B 217 40.72 -13.01 -23.57
C GLN B 217 41.79 -13.97 -23.06
N ARG B 218 41.39 -15.01 -22.33
CA ARG B 218 42.34 -15.98 -21.81
C ARG B 218 42.71 -17.06 -22.84
N ASN B 219 42.41 -16.83 -24.12
CA ASN B 219 42.93 -17.67 -25.20
C ASN B 219 43.95 -16.93 -26.04
N ILE B 220 44.34 -15.72 -25.66
CA ILE B 220 45.34 -14.97 -26.40
C ILE B 220 46.72 -15.23 -25.80
N VAL C 6 -32.55 -19.78 18.02
CA VAL C 6 -33.53 -18.99 18.76
C VAL C 6 -33.19 -17.51 18.67
N ASN C 7 -34.21 -16.67 18.80
CA ASN C 7 -34.06 -15.21 18.77
C ASN C 7 -34.80 -14.58 19.93
N GLY C 8 -34.63 -15.15 21.12
CA GLY C 8 -35.35 -14.68 22.29
C GLY C 8 -34.60 -13.63 23.09
N LYS C 9 -34.24 -13.96 24.32
CA LYS C 9 -33.55 -13.04 25.21
C LYS C 9 -32.08 -13.34 25.39
N LYS C 10 -31.70 -14.62 25.42
CA LYS C 10 -30.28 -14.96 25.55
C LYS C 10 -29.53 -14.80 24.24
N PHE C 11 -30.23 -14.59 23.12
CA PHE C 11 -29.53 -14.22 21.89
C PHE C 11 -29.09 -12.77 21.93
N LYS C 12 -29.96 -11.88 22.41
CA LYS C 12 -29.59 -10.47 22.49
C LYS C 12 -28.46 -10.24 23.48
N ASN C 13 -28.46 -10.98 24.59
CA ASN C 13 -27.36 -10.90 25.54
C ASN C 13 -26.05 -11.35 24.90
N PHE C 14 -26.08 -12.50 24.23
CA PHE C 14 -24.90 -12.97 23.53
C PHE C 14 -24.51 -12.00 22.41
N LEU C 15 -25.49 -11.38 21.77
CA LEU C 15 -25.19 -10.43 20.71
C LEU C 15 -24.45 -9.22 21.27
N ALA C 16 -24.88 -8.72 22.44
CA ALA C 16 -24.19 -7.60 23.05
C ALA C 16 -22.77 -7.99 23.47
N LYS C 17 -22.60 -9.17 24.07
CA LYS C 17 -21.25 -9.62 24.41
C LYS C 17 -20.37 -9.70 23.17
N LEU C 18 -20.91 -10.27 22.09
CA LEU C 18 -20.15 -10.41 20.86
C LEU C 18 -19.77 -9.05 20.29
N TYR C 19 -20.70 -8.10 20.29
CA TYR C 19 -20.41 -6.77 19.79
C TYR C 19 -19.27 -6.11 20.58
N GLY C 20 -19.38 -6.13 21.91
CA GLY C 20 -18.35 -5.47 22.71
C GLY C 20 -16.98 -6.13 22.58
N PHE C 21 -16.95 -7.46 22.69
CA PHE C 21 -15.67 -8.17 22.61
C PHE C 21 -15.07 -8.06 21.22
N GLY C 22 -15.89 -8.11 20.17
CA GLY C 22 -15.38 -7.93 18.83
C GLY C 22 -14.86 -6.52 18.60
N ALA C 23 -15.51 -5.53 19.19
CA ALA C 23 -14.98 -4.18 19.13
C ALA C 23 -13.59 -4.12 19.74
N SER C 24 -13.42 -4.73 20.92
CA SER C 24 -12.10 -4.72 21.56
C SER C 24 -11.06 -5.44 20.71
N ILE C 25 -11.43 -6.59 20.14
CA ILE C 25 -10.50 -7.34 19.30
C ILE C 25 -10.08 -6.51 18.10
N VAL C 26 -11.03 -5.78 17.50
CA VAL C 26 -10.72 -4.96 16.34
C VAL C 26 -9.79 -3.81 16.73
N ILE C 27 -10.00 -3.22 17.92
CA ILE C 27 -9.10 -2.15 18.36
C ILE C 27 -7.68 -2.67 18.54
N LEU C 28 -7.52 -3.82 19.20
CA LEU C 28 -6.18 -4.37 19.36
C LEU C 28 -5.56 -4.75 18.03
N GLY C 29 -6.37 -5.30 17.11
CA GLY C 29 -5.84 -5.62 15.79
C GLY C 29 -5.31 -4.39 15.07
N ALA C 30 -6.07 -3.28 15.15
CA ALA C 30 -5.61 -2.05 14.52
C ALA C 30 -4.34 -1.53 15.19
N MET C 31 -4.25 -1.65 16.52
CA MET C 31 -3.04 -1.20 17.22
C MET C 31 -1.82 -2.01 16.81
N PHE C 32 -1.97 -3.32 16.67
CA PHE C 32 -0.87 -4.15 16.21
C PHE C 32 -0.50 -3.84 14.76
N LYS C 33 -1.51 -3.59 13.92
CA LYS C 33 -1.26 -3.31 12.51
C LYS C 33 -0.51 -2.00 12.32
N ILE C 34 -0.98 -0.92 12.98
CA ILE C 34 -0.44 0.40 12.71
C ILE C 34 0.96 0.58 13.28
N LEU C 35 1.35 -0.22 14.26
CA LEU C 35 2.65 -0.09 14.90
C LEU C 35 3.64 -1.16 14.48
N HIS C 36 3.24 -2.09 13.61
CA HIS C 36 4.10 -3.16 13.13
C HIS C 36 4.66 -3.99 14.28
N TRP C 37 3.76 -4.47 15.13
CA TRP C 37 4.17 -5.32 16.23
C TRP C 37 4.29 -6.77 15.78
N THR C 38 4.76 -7.63 16.68
CA THR C 38 5.20 -8.96 16.28
C THR C 38 4.04 -9.81 15.76
N GLY C 39 2.91 -9.79 16.45
CA GLY C 39 1.80 -10.60 16.00
C GLY C 39 0.78 -9.84 15.19
N ALA C 40 1.26 -8.91 14.35
CA ALA C 40 0.35 -8.03 13.62
C ALA C 40 -0.47 -8.81 12.59
N ASP C 41 0.16 -9.74 11.87
CA ASP C 41 -0.56 -10.52 10.86
C ASP C 41 -1.62 -11.40 11.52
N LEU C 42 -1.27 -12.07 12.61
CA LEU C 42 -2.24 -12.90 13.32
C LEU C 42 -3.37 -12.07 13.89
N MET C 43 -3.05 -10.89 14.42
CA MET C 43 -4.10 -10.03 14.97
C MET C 43 -5.03 -9.54 13.86
N LEU C 44 -4.48 -9.24 12.68
CA LEU C 44 -5.32 -8.85 11.56
C LEU C 44 -6.25 -9.99 11.16
N ILE C 45 -5.74 -11.21 11.11
CA ILE C 45 -6.59 -12.35 10.75
C ILE C 45 -7.68 -12.56 11.79
N ILE C 46 -7.33 -12.44 13.07
CA ILE C 46 -8.32 -12.62 14.13
C ILE C 46 -9.39 -11.53 14.05
N GLY C 47 -8.97 -10.29 13.81
CA GLY C 47 -9.94 -9.21 13.68
C GLY C 47 -10.87 -9.38 12.50
N LEU C 48 -10.31 -9.82 11.36
CA LEU C 48 -11.15 -10.05 10.19
C LEU C 48 -12.15 -11.18 10.44
N SER C 49 -11.70 -12.27 11.07
CA SER C 49 -12.62 -13.35 11.39
C SER C 49 -13.70 -12.90 12.35
N THR C 50 -13.33 -12.09 13.35
CA THR C 50 -14.32 -11.59 14.29
C THR C 50 -15.35 -10.69 13.62
N GLU C 51 -14.89 -9.81 12.71
CA GLU C 51 -15.83 -8.98 11.98
C GLU C 51 -16.74 -9.81 11.08
N ALA C 52 -16.20 -10.87 10.47
CA ALA C 52 -17.05 -11.75 9.67
C ALA C 52 -18.14 -12.38 10.51
N VAL C 53 -17.78 -12.86 11.70
CA VAL C 53 -18.77 -13.48 12.58
C VAL C 53 -19.80 -12.46 13.04
N ILE C 54 -19.35 -11.25 13.37
CA ILE C 54 -20.26 -10.20 13.82
C ILE C 54 -21.25 -9.84 12.72
N PHE C 55 -20.77 -9.71 11.49
CA PHE C 55 -21.64 -9.40 10.37
C PHE C 55 -22.62 -10.54 10.10
N PHE C 56 -22.17 -11.78 10.23
CA PHE C 56 -23.07 -12.91 10.05
C PHE C 56 -24.19 -12.90 11.08
N PHE C 57 -23.83 -12.66 12.34
CA PHE C 57 -24.83 -12.72 13.41
C PHE C 57 -25.72 -11.48 13.43
N SER C 58 -25.23 -10.34 12.95
CA SER C 58 -26.07 -9.15 12.87
C SER C 58 -27.14 -9.27 11.80
N ALA C 59 -27.02 -10.24 10.89
CA ALA C 59 -28.05 -10.43 9.87
C ALA C 59 -29.35 -10.93 10.48
N PHE C 60 -29.26 -11.72 11.55
CA PHE C 60 -30.45 -12.27 12.20
C PHE C 60 -31.08 -11.31 13.20
N GLU C 61 -30.45 -10.17 13.46
CA GLU C 61 -31.02 -9.20 14.39
C GLU C 61 -32.32 -8.64 13.84
N LYS C 62 -33.35 -8.61 14.68
CA LYS C 62 -34.63 -8.05 14.27
C LYS C 62 -34.51 -6.54 14.12
N PRO C 63 -35.02 -5.95 13.05
CA PRO C 63 -34.85 -4.52 12.81
C PRO C 63 -35.84 -3.69 13.63
N ALA C 64 -35.75 -2.38 13.47
CA ALA C 64 -36.59 -1.47 14.23
C ALA C 64 -38.06 -1.64 13.86
N PRO C 65 -38.96 -1.49 14.82
CA PRO C 65 -40.40 -1.60 14.50
C PRO C 65 -40.87 -0.60 13.46
N GLU C 66 -40.32 0.61 13.47
CA GLU C 66 -40.64 1.65 12.49
C GLU C 66 -42.15 1.93 12.47
N TYR C 67 -42.64 2.44 13.59
CA TYR C 67 -44.07 2.70 13.73
C TYR C 67 -44.50 3.85 12.83
N ASP C 68 -45.78 3.84 12.47
CA ASP C 68 -46.39 4.91 11.69
C ASP C 68 -47.37 5.65 12.61
N TRP C 69 -46.89 6.71 13.26
CA TRP C 69 -47.70 7.44 14.22
C TRP C 69 -48.83 8.23 13.58
N THR C 70 -48.80 8.43 12.27
CA THR C 70 -49.89 9.13 11.61
C THR C 70 -51.20 8.35 11.73
N LEU C 71 -51.12 7.03 11.83
CA LEU C 71 -52.33 6.23 11.99
C LEU C 71 -53.01 6.46 13.33
N VAL C 72 -52.30 7.00 14.31
CA VAL C 72 -52.88 7.28 15.62
C VAL C 72 -53.23 8.76 15.71
N TYR C 73 -52.22 9.62 15.55
CA TYR C 73 -52.42 11.06 15.59
C TYR C 73 -52.42 11.60 14.17
N PRO C 74 -53.56 12.10 13.65
CA PRO C 74 -53.56 12.75 12.34
C PRO C 74 -52.47 13.79 12.19
N GLU C 75 -51.51 13.53 11.30
CA GLU C 75 -50.39 14.41 11.03
C GLU C 75 -49.62 14.74 12.32
N LEU C 76 -49.02 13.69 12.88
CA LEU C 76 -48.25 13.83 14.12
C LEU C 76 -46.98 14.66 13.89
N VAL D 6 -41.59 -2.78 -4.99
CA VAL D 6 -42.07 -2.77 -3.62
C VAL D 6 -40.93 -2.49 -2.66
N ASN D 7 -41.15 -1.56 -1.73
CA ASN D 7 -40.18 -1.21 -0.69
C ASN D 7 -40.88 -1.08 0.65
N GLY D 8 -41.60 -2.12 1.03
CA GLY D 8 -42.42 -2.10 2.23
C GLY D 8 -41.71 -2.61 3.46
N LYS D 9 -42.17 -3.72 4.01
CA LYS D 9 -41.65 -4.25 5.26
C LYS D 9 -40.82 -5.51 5.07
N LYS D 10 -41.38 -6.55 4.45
CA LYS D 10 -40.63 -7.78 4.29
C LYS D 10 -39.43 -7.61 3.37
N PHE D 11 -39.55 -6.71 2.38
CA PHE D 11 -38.41 -6.44 1.51
C PHE D 11 -37.27 -5.80 2.29
N LYS D 12 -37.58 -4.87 3.20
CA LYS D 12 -36.55 -4.23 4.01
C LYS D 12 -35.86 -5.25 4.90
N ASN D 13 -36.63 -6.13 5.53
CA ASN D 13 -36.04 -7.14 6.41
C ASN D 13 -35.14 -8.09 5.63
N PHE D 14 -35.62 -8.58 4.49
CA PHE D 14 -34.80 -9.45 3.67
C PHE D 14 -33.55 -8.74 3.19
N LEU D 15 -33.68 -7.46 2.84
CA LEU D 15 -32.55 -6.73 2.29
C LEU D 15 -31.51 -6.46 3.37
N ALA D 16 -31.94 -6.25 4.62
CA ALA D 16 -31.00 -6.11 5.72
C ALA D 16 -30.29 -7.43 6.02
N LYS D 17 -31.03 -8.55 5.99
CA LYS D 17 -30.37 -9.84 6.16
C LYS D 17 -29.34 -10.06 5.06
N LEU D 18 -29.69 -9.71 3.82
CA LEU D 18 -28.76 -9.84 2.70
C LEU D 18 -27.54 -8.94 2.90
N TYR D 19 -27.75 -7.73 3.43
CA TYR D 19 -26.63 -6.85 3.71
C TYR D 19 -25.68 -7.50 4.71
N GLY D 20 -26.22 -8.08 5.78
CA GLY D 20 -25.37 -8.72 6.78
C GLY D 20 -24.59 -9.88 6.19
N PHE D 21 -25.27 -10.76 5.45
CA PHE D 21 -24.60 -11.92 4.87
C PHE D 21 -23.56 -11.50 3.83
N GLY D 22 -23.87 -10.48 3.02
CA GLY D 22 -22.91 -10.01 2.06
C GLY D 22 -21.68 -9.39 2.71
N ALA D 23 -21.87 -8.64 3.79
CA ALA D 23 -20.73 -8.08 4.51
C ALA D 23 -19.88 -9.18 5.10
N SER D 24 -20.50 -10.23 5.63
CA SER D 24 -19.75 -11.36 6.14
C SER D 24 -18.93 -12.01 5.02
N ILE D 25 -19.52 -12.16 3.84
CA ILE D 25 -18.80 -12.74 2.70
C ILE D 25 -17.66 -11.82 2.26
N VAL D 26 -17.88 -10.51 2.31
CA VAL D 26 -16.82 -9.56 1.96
C VAL D 26 -15.63 -9.72 2.88
N ILE D 27 -15.89 -9.77 4.19
CA ILE D 27 -14.78 -9.86 5.13
C ILE D 27 -14.07 -11.21 5.01
N LEU D 28 -14.85 -12.27 4.80
CA LEU D 28 -14.23 -13.59 4.61
C LEU D 28 -13.36 -13.61 3.35
N GLY D 29 -13.84 -12.97 2.28
CA GLY D 29 -13.05 -12.89 1.06
C GLY D 29 -11.77 -12.08 1.24
N ALA D 30 -11.85 -10.98 1.99
CA ALA D 30 -10.65 -10.21 2.29
C ALA D 30 -9.65 -11.03 3.09
N MET D 31 -10.14 -11.78 4.09
CA MET D 31 -9.26 -12.62 4.89
C MET D 31 -8.63 -13.71 4.05
N PHE D 32 -9.40 -14.30 3.13
CA PHE D 32 -8.86 -15.31 2.23
C PHE D 32 -7.83 -14.70 1.28
N LYS D 33 -8.07 -13.46 0.84
CA LYS D 33 -7.12 -12.78 -0.03
C LYS D 33 -5.79 -12.55 0.69
N ILE D 34 -5.84 -12.16 1.97
CA ILE D 34 -4.61 -12.00 2.73
C ILE D 34 -3.91 -13.34 2.90
N LEU D 35 -4.68 -14.39 3.17
CA LEU D 35 -4.13 -15.71 3.47
C LEU D 35 -3.71 -16.49 2.23
N HIS D 36 -4.02 -15.98 1.04
CA HIS D 36 -3.73 -16.66 -0.22
C HIS D 36 -4.46 -18.00 -0.31
N TRP D 37 -5.78 -17.92 -0.26
CA TRP D 37 -6.63 -19.10 -0.37
C TRP D 37 -7.40 -19.07 -1.69
N THR D 38 -8.08 -20.18 -1.98
CA THR D 38 -8.51 -20.48 -3.34
C THR D 38 -9.58 -19.50 -3.82
N GLY D 39 -10.63 -19.28 -3.04
CA GLY D 39 -11.78 -18.55 -3.54
C GLY D 39 -11.85 -17.10 -3.13
N ALA D 40 -10.69 -16.49 -2.87
CA ALA D 40 -10.66 -15.13 -2.35
C ALA D 40 -11.25 -14.13 -3.34
N ASP D 41 -10.75 -14.14 -4.58
CA ASP D 41 -11.19 -13.18 -5.58
C ASP D 41 -12.63 -13.41 -6.04
N LEU D 42 -13.20 -14.56 -5.74
CA LEU D 42 -14.61 -14.80 -6.05
C LEU D 42 -15.52 -14.39 -4.91
N MET D 43 -15.10 -14.69 -3.67
CA MET D 43 -15.87 -14.24 -2.51
C MET D 43 -15.92 -12.72 -2.44
N LEU D 44 -14.80 -12.06 -2.74
CA LEU D 44 -14.79 -10.60 -2.76
C LEU D 44 -15.79 -10.06 -3.78
N ILE D 45 -15.78 -10.61 -4.99
CA ILE D 45 -16.68 -10.13 -6.04
C ILE D 45 -18.13 -10.34 -5.63
N ILE D 46 -18.46 -11.54 -5.13
CA ILE D 46 -19.84 -11.82 -4.77
C ILE D 46 -20.31 -10.88 -3.67
N GLY D 47 -19.52 -10.78 -2.59
CA GLY D 47 -19.94 -9.96 -1.47
C GLY D 47 -20.06 -8.50 -1.82
N LEU D 48 -19.06 -7.96 -2.51
CA LEU D 48 -19.08 -6.53 -2.82
C LEU D 48 -20.12 -6.20 -3.87
N SER D 49 -20.36 -7.10 -4.84
CA SER D 49 -21.45 -6.86 -5.78
C SER D 49 -22.80 -6.88 -5.07
N THR D 50 -22.97 -7.79 -4.11
CA THR D 50 -24.20 -7.80 -3.33
C THR D 50 -24.38 -6.50 -2.56
N GLU D 51 -23.31 -6.01 -1.94
CA GLU D 51 -23.39 -4.74 -1.21
C GLU D 51 -23.74 -3.59 -2.13
N ALA D 52 -23.11 -3.54 -3.31
CA ALA D 52 -23.38 -2.46 -4.26
C ALA D 52 -24.83 -2.51 -4.73
N VAL D 53 -25.34 -3.71 -5.02
CA VAL D 53 -26.72 -3.83 -5.46
C VAL D 53 -27.68 -3.41 -4.35
N ILE D 54 -27.38 -3.82 -3.11
CA ILE D 54 -28.25 -3.47 -1.98
C ILE D 54 -28.29 -1.97 -1.78
N PHE D 55 -27.14 -1.31 -1.91
CA PHE D 55 -27.14 0.15 -1.78
C PHE D 55 -27.79 0.83 -2.96
N PHE D 56 -27.72 0.23 -4.15
CA PHE D 56 -28.44 0.76 -5.30
C PHE D 56 -29.95 0.71 -5.06
N PHE D 57 -30.45 -0.38 -4.50
CA PHE D 57 -31.87 -0.46 -4.19
C PHE D 57 -32.30 0.56 -3.15
N SER D 58 -31.44 0.87 -2.18
CA SER D 58 -31.78 1.85 -1.17
C SER D 58 -31.87 3.27 -1.72
N ALA D 59 -31.37 3.49 -2.94
CA ALA D 59 -31.43 4.83 -3.53
C ALA D 59 -32.86 5.26 -3.83
N PHE D 60 -33.79 4.33 -3.94
CA PHE D 60 -35.18 4.64 -4.22
C PHE D 60 -36.06 4.51 -3.00
N GLU D 61 -35.47 4.36 -1.81
CA GLU D 61 -36.24 4.28 -0.58
C GLU D 61 -36.87 5.63 -0.26
N LYS D 62 -38.05 5.58 0.34
CA LYS D 62 -38.70 6.79 0.80
C LYS D 62 -37.97 7.31 2.04
N PRO D 63 -37.83 8.63 2.18
CA PRO D 63 -37.12 9.17 3.35
C PRO D 63 -37.95 8.98 4.62
N ALA D 64 -37.32 9.34 5.74
CA ALA D 64 -37.95 9.16 7.04
C ALA D 64 -39.17 10.07 7.18
N PRO D 65 -40.20 9.63 7.90
CA PRO D 65 -41.38 10.50 8.10
C PRO D 65 -41.05 11.81 8.77
N GLU D 66 -40.12 11.81 9.73
CA GLU D 66 -39.72 13.02 10.45
C GLU D 66 -40.92 13.69 11.12
N TYR D 67 -41.48 12.98 12.10
CA TYR D 67 -42.68 13.45 12.78
C TYR D 67 -42.41 14.69 13.61
N ASP D 68 -43.33 15.64 13.56
CA ASP D 68 -43.27 16.88 14.33
C ASP D 68 -44.26 16.77 15.48
N TRP D 69 -43.78 16.37 16.65
CA TRP D 69 -44.66 16.13 17.79
C TRP D 69 -45.21 17.41 18.40
N THR D 70 -44.64 18.58 18.08
CA THR D 70 -45.20 19.82 18.59
C THR D 70 -46.57 20.12 18.01
N LEU D 71 -46.92 19.52 16.87
CA LEU D 71 -48.22 19.72 16.25
C LEU D 71 -49.34 18.98 16.96
N VAL D 72 -49.01 18.04 17.85
CA VAL D 72 -50.02 17.34 18.64
C VAL D 72 -49.90 17.65 20.13
N TYR D 73 -48.69 17.90 20.62
CA TYR D 73 -48.49 18.29 22.02
C TYR D 73 -47.90 19.69 22.03
N PRO D 74 -48.71 20.73 22.25
CA PRO D 74 -48.19 22.10 22.20
C PRO D 74 -47.15 22.34 23.28
N GLU D 75 -46.19 23.21 22.96
CA GLU D 75 -45.11 23.58 23.87
C GLU D 75 -44.36 22.33 24.36
N LEU D 76 -43.70 21.68 23.41
CA LEU D 76 -42.96 20.45 23.70
C LEU D 76 -41.51 20.58 23.29
N ASP E 5 -29.89 24.92 -2.60
CA ASP E 5 -30.07 25.94 -1.58
C ASP E 5 -30.92 25.42 -0.43
N VAL E 6 -32.24 25.48 -0.61
CA VAL E 6 -33.15 25.01 0.43
C VAL E 6 -32.99 23.50 0.62
N ASN E 7 -33.33 23.04 1.82
CA ASN E 7 -33.23 21.62 2.15
C ASN E 7 -34.57 21.08 2.62
N GLY E 8 -35.63 21.37 1.86
CA GLY E 8 -36.94 20.83 2.15
C GLY E 8 -37.12 19.44 1.58
N LYS E 9 -38.25 19.17 0.95
CA LYS E 9 -38.51 17.85 0.40
C LYS E 9 -38.00 17.68 -1.01
N LYS E 10 -37.89 18.77 -1.78
CA LYS E 10 -37.40 18.68 -3.15
C LYS E 10 -35.93 18.27 -3.21
N PHE E 11 -35.14 18.62 -2.19
CA PHE E 11 -33.71 18.32 -2.18
C PHE E 11 -33.41 16.97 -1.55
N LYS E 12 -33.94 16.70 -0.36
CA LYS E 12 -33.68 15.40 0.27
C LYS E 12 -34.21 14.24 -0.57
N ASN E 13 -35.18 14.49 -1.45
CA ASN E 13 -35.63 13.44 -2.37
C ASN E 13 -34.54 13.13 -3.40
N PHE E 14 -33.83 14.17 -3.86
CA PHE E 14 -32.68 13.95 -4.73
C PHE E 14 -31.47 13.49 -3.93
N LEU E 15 -31.33 14.00 -2.71
CA LEU E 15 -30.19 13.62 -1.87
C LEU E 15 -30.23 12.14 -1.53
N ALA E 16 -31.43 11.56 -1.41
CA ALA E 16 -31.54 10.14 -1.11
C ALA E 16 -30.98 9.28 -2.22
N LYS E 17 -31.25 9.64 -3.47
CA LYS E 17 -30.70 8.87 -4.59
C LYS E 17 -29.19 9.02 -4.67
N LEU E 18 -28.67 10.18 -4.28
CA LEU E 18 -27.23 10.38 -4.31
C LEU E 18 -26.54 9.61 -3.19
N TYR E 19 -27.28 9.33 -2.10
CA TYR E 19 -26.75 8.47 -1.04
C TYR E 19 -26.49 7.06 -1.54
N GLY E 20 -27.42 6.51 -2.31
CA GLY E 20 -27.34 5.14 -2.75
C GLY E 20 -26.43 4.93 -3.93
N PHE E 21 -26.54 5.80 -4.95
CA PHE E 21 -25.67 5.67 -6.11
C PHE E 21 -24.22 5.91 -5.74
N GLY E 22 -23.96 6.92 -4.91
CA GLY E 22 -22.60 7.22 -4.50
C GLY E 22 -21.97 6.09 -3.70
N ALA E 23 -22.77 5.43 -2.88
CA ALA E 23 -22.27 4.30 -2.10
C ALA E 23 -21.97 3.10 -3.00
N SER E 24 -22.78 2.90 -4.04
CA SER E 24 -22.56 1.79 -4.94
C SER E 24 -21.24 1.93 -5.69
N ILE E 25 -20.87 3.15 -6.09
CA ILE E 25 -19.61 3.34 -6.79
C ILE E 25 -18.44 3.10 -5.86
N VAL E 26 -18.55 3.48 -4.59
CA VAL E 26 -17.49 3.20 -3.63
C VAL E 26 -17.33 1.71 -3.42
N ILE E 27 -18.45 0.98 -3.30
CA ILE E 27 -18.38 -0.47 -3.14
C ILE E 27 -17.65 -1.10 -4.32
N LEU E 28 -18.03 -0.72 -5.54
CA LEU E 28 -17.42 -1.30 -6.73
C LEU E 28 -16.00 -0.79 -6.92
N GLY E 29 -15.75 0.48 -6.63
CA GLY E 29 -14.41 1.01 -6.76
C GLY E 29 -13.42 0.32 -5.84
N ALA E 30 -13.87 -0.09 -4.64
CA ALA E 30 -13.01 -0.86 -3.76
C ALA E 30 -12.80 -2.27 -4.28
N MET E 31 -13.84 -2.87 -4.88
CA MET E 31 -13.71 -4.19 -5.45
C MET E 31 -12.72 -4.19 -6.61
N PHE E 32 -12.78 -3.15 -7.46
CA PHE E 32 -11.79 -3.01 -8.52
C PHE E 32 -10.40 -2.77 -7.94
N LYS E 33 -10.32 -1.95 -6.89
CA LYS E 33 -9.03 -1.59 -6.31
C LYS E 33 -8.35 -2.80 -5.68
N ILE E 34 -9.09 -3.62 -4.94
CA ILE E 34 -8.49 -4.77 -4.27
C ILE E 34 -8.01 -5.79 -5.30
N LEU E 35 -8.77 -5.95 -6.39
CA LEU E 35 -8.46 -6.94 -7.41
C LEU E 35 -7.54 -6.41 -8.50
N HIS E 36 -7.21 -5.13 -8.48
CA HIS E 36 -6.29 -4.51 -9.42
C HIS E 36 -6.85 -4.54 -10.84
N TRP E 37 -8.06 -4.01 -10.97
CA TRP E 37 -8.71 -3.83 -12.25
C TRP E 37 -8.58 -2.38 -12.70
N THR E 38 -8.64 -2.18 -14.01
CA THR E 38 -8.16 -0.92 -14.60
C THR E 38 -9.01 0.26 -14.19
N GLY E 39 -10.30 0.06 -13.96
CA GLY E 39 -11.17 1.19 -13.69
C GLY E 39 -11.23 1.59 -12.22
N ALA E 40 -10.28 1.08 -11.43
CA ALA E 40 -10.37 1.20 -9.97
C ALA E 40 -10.36 2.66 -9.52
N ASP E 41 -9.37 3.43 -9.97
CA ASP E 41 -9.20 4.77 -9.45
C ASP E 41 -10.23 5.75 -9.98
N LEU E 42 -10.84 5.47 -11.14
CA LEU E 42 -11.87 6.38 -11.65
C LEU E 42 -13.17 6.24 -10.88
N MET E 43 -13.57 5.01 -10.55
CA MET E 43 -14.77 4.82 -9.74
C MET E 43 -14.57 5.31 -8.31
N LEU E 44 -13.35 5.18 -7.79
CA LEU E 44 -13.08 5.72 -6.46
C LEU E 44 -13.17 7.24 -6.45
N ILE E 45 -12.75 7.89 -7.52
CA ILE E 45 -12.89 9.34 -7.60
C ILE E 45 -14.36 9.74 -7.59
N ILE E 46 -15.17 9.07 -8.39
CA ILE E 46 -16.58 9.44 -8.48
C ILE E 46 -17.30 9.10 -7.18
N GLY E 47 -17.05 7.91 -6.65
CA GLY E 47 -17.75 7.50 -5.43
C GLY E 47 -17.35 8.31 -4.21
N LEU E 48 -16.05 8.58 -4.05
CA LEU E 48 -15.60 9.31 -2.87
C LEU E 48 -15.93 10.79 -2.98
N SER E 49 -15.80 11.36 -4.18
CA SER E 49 -16.15 12.77 -4.33
C SER E 49 -17.65 13.00 -4.19
N THR E 50 -18.46 12.03 -4.63
CA THR E 50 -19.89 12.10 -4.34
C THR E 50 -20.15 12.03 -2.84
N GLU E 51 -19.44 11.14 -2.15
CA GLU E 51 -19.62 11.00 -0.71
C GLU E 51 -19.10 12.22 0.04
N ALA E 52 -18.04 12.86 -0.47
CA ALA E 52 -17.57 14.09 0.13
C ALA E 52 -18.60 15.19 -0.01
N VAL E 53 -19.28 15.25 -1.16
CA VAL E 53 -20.35 16.24 -1.35
C VAL E 53 -21.52 15.95 -0.42
N ILE E 54 -21.83 14.67 -0.21
CA ILE E 54 -22.91 14.29 0.69
C ILE E 54 -22.64 14.82 2.09
N PHE E 55 -21.43 14.58 2.60
CA PHE E 55 -21.07 15.02 3.95
C PHE E 55 -21.11 16.54 4.05
N PHE E 56 -20.69 17.24 2.99
CA PHE E 56 -20.71 18.69 3.01
C PHE E 56 -22.14 19.23 3.16
N PHE E 57 -23.09 18.62 2.47
CA PHE E 57 -24.48 19.08 2.57
C PHE E 57 -25.12 18.69 3.88
N SER E 58 -24.60 17.68 4.57
CA SER E 58 -25.13 17.32 5.89
C SER E 58 -24.73 18.31 6.96
N ALA E 59 -23.79 19.22 6.67
CA ALA E 59 -23.46 20.26 7.63
C ALA E 59 -24.62 21.23 7.81
N PHE E 60 -25.34 21.52 6.73
CA PHE E 60 -26.42 22.50 6.75
C PHE E 60 -27.78 21.91 7.07
N GLU E 61 -27.85 20.61 7.35
CA GLU E 61 -29.12 19.99 7.71
C GLU E 61 -29.55 20.42 9.10
N LYS E 62 -30.82 20.81 9.23
CA LYS E 62 -31.32 21.25 10.52
C LYS E 62 -31.35 20.07 11.50
N PRO E 63 -30.91 20.28 12.73
CA PRO E 63 -30.77 19.15 13.67
C PRO E 63 -32.12 18.62 14.12
N ALA E 64 -32.06 17.48 14.82
CA ALA E 64 -33.26 16.87 15.34
C ALA E 64 -33.90 17.77 16.40
N PRO E 65 -35.23 17.77 16.50
CA PRO E 65 -35.89 18.65 17.46
C PRO E 65 -35.50 18.40 18.91
N GLU E 66 -35.22 17.15 19.28
CA GLU E 66 -34.81 16.80 20.64
C GLU E 66 -35.86 17.24 21.66
N TYR E 67 -37.03 16.60 21.56
CA TYR E 67 -38.13 16.92 22.45
C TYR E 67 -37.81 16.56 23.89
N ASP E 68 -38.39 17.30 24.82
CA ASP E 68 -38.26 17.05 26.25
C ASP E 68 -39.63 16.62 26.75
N TRP E 69 -39.85 15.31 26.80
CA TRP E 69 -41.17 14.76 27.05
C TRP E 69 -41.68 15.02 28.45
N THR E 70 -40.81 15.46 29.37
CA THR E 70 -41.23 15.66 30.75
C THR E 70 -42.25 16.78 30.88
N LEU E 71 -42.26 17.73 29.94
CA LEU E 71 -43.25 18.80 29.99
C LEU E 71 -44.67 18.25 29.83
N VAL E 72 -44.85 17.30 28.90
CA VAL E 72 -46.15 16.73 28.63
C VAL E 72 -46.38 15.43 29.39
N TYR E 73 -45.35 14.87 30.01
CA TYR E 73 -45.47 13.65 30.81
C TYR E 73 -44.58 13.77 32.03
N PRO E 74 -45.08 14.39 33.10
CA PRO E 74 -44.27 14.49 34.33
C PRO E 74 -43.84 13.12 34.82
N GLU E 75 -42.59 13.05 35.28
CA GLU E 75 -41.98 11.79 35.74
C GLU E 75 -42.07 10.73 34.66
N LEU E 76 -41.42 10.99 33.52
CA LEU E 76 -41.42 10.07 32.39
C LEU E 76 -40.27 10.36 31.45
N VAL F 6 -19.25 26.81 26.41
CA VAL F 6 -20.64 26.44 26.66
C VAL F 6 -21.04 25.35 25.68
N ASN F 7 -22.04 24.55 26.04
CA ASN F 7 -22.53 23.45 25.21
C ASN F 7 -24.05 23.48 25.13
N GLY F 8 -24.59 24.64 24.75
CA GLY F 8 -26.03 24.79 24.64
C GLY F 8 -26.52 24.54 23.22
N LYS F 9 -26.96 25.59 22.54
CA LYS F 9 -27.43 25.47 21.17
C LYS F 9 -26.59 26.22 20.17
N LYS F 10 -26.07 27.39 20.53
CA LYS F 10 -25.22 28.14 19.60
C LYS F 10 -23.93 27.39 19.31
N PHE F 11 -23.42 26.64 20.30
CA PHE F 11 -22.22 25.86 20.08
C PHE F 11 -22.53 24.52 19.44
N LYS F 12 -23.60 23.86 19.89
CA LYS F 12 -23.97 22.57 19.31
C LYS F 12 -24.32 22.70 17.82
N ASN F 13 -24.90 23.84 17.43
CA ASN F 13 -25.14 24.08 16.02
C ASN F 13 -23.82 24.20 15.26
N PHE F 14 -22.85 24.93 15.82
CA PHE F 14 -21.54 25.01 15.20
C PHE F 14 -20.83 23.68 15.22
N LEU F 15 -20.98 22.93 16.31
CA LEU F 15 -20.36 21.61 16.41
C LEU F 15 -20.99 20.59 15.48
N ALA F 16 -22.15 20.91 14.90
CA ALA F 16 -22.78 20.04 13.91
C ALA F 16 -22.34 20.39 12.50
N LYS F 17 -22.16 21.67 12.19
CA LYS F 17 -21.56 22.06 10.92
C LYS F 17 -20.12 21.58 10.84
N LEU F 18 -19.38 21.69 11.95
CA LEU F 18 -17.98 21.30 11.94
C LEU F 18 -17.81 19.82 11.66
N TYR F 19 -18.76 18.98 12.07
CA TYR F 19 -18.65 17.56 11.78
C TYR F 19 -18.91 17.27 10.31
N GLY F 20 -19.85 17.99 9.70
CA GLY F 20 -20.11 17.80 8.29
C GLY F 20 -18.93 18.20 7.43
N PHE F 21 -18.31 19.33 7.74
CA PHE F 21 -17.13 19.75 6.99
C PHE F 21 -15.93 18.88 7.30
N GLY F 22 -15.84 18.36 8.53
CA GLY F 22 -14.71 17.53 8.88
C GLY F 22 -14.68 16.21 8.13
N ALA F 23 -15.82 15.54 8.02
CA ALA F 23 -15.86 14.25 7.36
C ALA F 23 -15.71 14.38 5.85
N SER F 24 -16.08 15.53 5.28
CA SER F 24 -15.81 15.77 3.87
C SER F 24 -14.32 15.86 3.60
N ILE F 25 -13.58 16.56 4.46
CA ILE F 25 -12.16 16.77 4.22
C ILE F 25 -11.38 15.47 4.42
N VAL F 26 -11.83 14.60 5.32
CA VAL F 26 -11.19 13.29 5.46
C VAL F 26 -11.35 12.47 4.19
N ILE F 27 -12.56 12.45 3.64
CA ILE F 27 -12.82 11.63 2.46
C ILE F 27 -12.12 12.20 1.24
N LEU F 28 -12.18 13.52 1.07
CA LEU F 28 -11.40 14.14 0.00
C LEU F 28 -9.92 13.88 0.18
N GLY F 29 -9.43 14.00 1.41
CA GLY F 29 -8.05 13.67 1.67
C GLY F 29 -7.73 12.21 1.41
N ALA F 30 -8.67 11.33 1.72
CA ALA F 30 -8.49 9.92 1.41
C ALA F 30 -8.48 9.68 -0.09
N MET F 31 -9.30 10.42 -0.83
CA MET F 31 -9.31 10.28 -2.28
C MET F 31 -8.02 10.80 -2.89
N PHE F 32 -7.53 11.94 -2.41
CA PHE F 32 -6.29 12.50 -2.94
C PHE F 32 -5.10 11.59 -2.64
N LYS F 33 -5.08 11.00 -1.45
CA LYS F 33 -4.02 10.06 -1.10
C LYS F 33 -4.08 8.81 -1.98
N ILE F 34 -5.28 8.33 -2.28
CA ILE F 34 -5.44 7.18 -3.17
C ILE F 34 -4.89 7.52 -4.55
N LEU F 35 -5.20 8.70 -5.05
CA LEU F 35 -4.78 9.12 -6.39
C LEU F 35 -3.39 9.73 -6.41
N HIS F 36 -2.73 9.83 -5.26
CA HIS F 36 -1.39 10.41 -5.15
C HIS F 36 -1.36 11.84 -5.70
N TRP F 37 -2.41 12.60 -5.42
CA TRP F 37 -2.43 14.01 -5.81
C TRP F 37 -1.72 14.85 -4.76
N THR F 38 -1.47 16.11 -5.12
CA THR F 38 -0.48 16.91 -4.42
C THR F 38 -0.82 17.09 -2.95
N GLY F 39 -1.94 17.76 -2.65
CA GLY F 39 -2.24 18.12 -1.28
C GLY F 39 -2.95 17.06 -0.46
N ALA F 40 -2.48 15.81 -0.54
CA ALA F 40 -3.21 14.72 0.08
C ALA F 40 -3.12 14.76 1.61
N ASP F 41 -1.92 14.96 2.14
CA ASP F 41 -1.75 14.95 3.59
C ASP F 41 -2.15 16.27 4.24
N LEU F 42 -2.26 17.35 3.49
CA LEU F 42 -2.78 18.59 4.07
C LEU F 42 -4.24 18.45 4.41
N MET F 43 -5.01 17.76 3.57
CA MET F 43 -6.43 17.59 3.83
C MET F 43 -6.68 16.53 4.90
N LEU F 44 -5.85 15.49 4.95
CA LEU F 44 -5.98 14.50 6.00
C LEU F 44 -5.64 15.09 7.37
N ILE F 45 -4.71 16.05 7.42
CA ILE F 45 -4.44 16.74 8.67
C ILE F 45 -5.65 17.52 9.14
N ILE F 46 -6.22 18.34 8.25
CA ILE F 46 -7.32 19.20 8.62
C ILE F 46 -8.56 18.37 8.94
N GLY F 47 -8.84 17.36 8.11
CA GLY F 47 -10.01 16.53 8.36
C GLY F 47 -9.91 15.72 9.63
N LEU F 48 -8.74 15.13 9.90
CA LEU F 48 -8.59 14.31 11.09
C LEU F 48 -8.55 15.16 12.35
N SER F 49 -7.93 16.35 12.27
CA SER F 49 -7.91 17.23 13.43
C SER F 49 -9.31 17.70 13.79
N THR F 50 -10.15 17.96 12.79
CA THR F 50 -11.52 18.36 13.06
C THR F 50 -12.28 17.24 13.75
N GLU F 51 -12.12 16.00 13.28
CA GLU F 51 -12.82 14.88 13.90
C GLU F 51 -12.33 14.62 15.32
N ALA F 52 -11.06 14.93 15.60
CA ALA F 52 -10.57 14.80 16.96
C ALA F 52 -11.08 15.93 17.85
N VAL F 53 -11.37 17.10 17.27
CA VAL F 53 -11.99 18.17 18.04
C VAL F 53 -13.44 17.83 18.36
N ILE F 54 -14.16 17.25 17.40
CA ILE F 54 -15.53 16.84 17.64
C ILE F 54 -15.59 15.78 18.74
N PHE F 55 -14.69 14.80 18.68
CA PHE F 55 -14.68 13.73 19.67
C PHE F 55 -14.34 14.27 21.05
N PHE F 56 -13.42 15.24 21.12
CA PHE F 56 -13.06 15.82 22.41
C PHE F 56 -14.26 16.54 23.03
N PHE F 57 -14.92 17.39 22.25
CA PHE F 57 -16.04 18.17 22.78
C PHE F 57 -17.29 17.34 22.99
N SER F 58 -17.36 16.13 22.44
CA SER F 58 -18.51 15.28 22.69
C SER F 58 -18.45 14.60 24.05
N ALA F 59 -17.27 14.59 24.69
CA ALA F 59 -17.16 14.00 26.02
C ALA F 59 -17.82 14.85 27.08
N PHE F 60 -17.95 16.16 26.85
CA PHE F 60 -18.58 17.06 27.79
C PHE F 60 -20.07 17.23 27.57
N GLU F 61 -20.62 16.63 26.52
CA GLU F 61 -22.04 16.77 26.25
C GLU F 61 -22.86 16.05 27.33
N LYS F 62 -24.05 16.58 27.58
CA LYS F 62 -24.93 15.97 28.55
C LYS F 62 -25.39 14.61 28.06
N PRO F 63 -25.50 13.61 28.94
CA PRO F 63 -25.97 12.30 28.49
C PRO F 63 -27.42 12.36 28.03
N ALA F 64 -27.80 11.38 27.22
CA ALA F 64 -29.16 11.34 26.69
C ALA F 64 -30.16 11.23 27.84
N PRO F 65 -31.33 11.87 27.70
CA PRO F 65 -32.30 11.86 28.80
C PRO F 65 -32.73 10.46 29.22
N GLU F 66 -32.79 9.50 28.29
CA GLU F 66 -33.11 8.12 28.60
C GLU F 66 -34.47 8.00 29.29
N TYR F 67 -35.51 8.39 28.55
CA TYR F 67 -36.85 8.44 29.10
C TYR F 67 -37.40 7.04 29.34
N ASP F 68 -38.13 6.89 30.43
CA ASP F 68 -38.81 5.64 30.77
C ASP F 68 -40.31 5.83 30.57
N TRP F 69 -40.95 4.85 29.92
CA TRP F 69 -42.36 4.94 29.59
C TRP F 69 -43.23 3.94 30.33
N THR F 70 -42.64 2.91 30.94
CA THR F 70 -43.43 1.91 31.65
C THR F 70 -44.14 2.53 32.85
N LEU F 71 -43.48 3.43 33.57
CA LEU F 71 -44.07 3.98 34.79
C LEU F 71 -45.28 4.85 34.47
N VAL F 72 -45.37 5.37 33.24
CA VAL F 72 -46.55 6.13 32.82
C VAL F 72 -47.43 5.36 31.86
N TYR F 73 -46.95 4.24 31.30
CA TYR F 73 -47.77 3.32 30.50
C TYR F 73 -47.53 1.92 31.07
N PRO F 74 -48.26 1.54 32.12
CA PRO F 74 -47.94 0.31 32.86
C PRO F 74 -47.94 -0.94 32.00
N GLU F 75 -46.98 -1.84 32.29
CA GLU F 75 -46.81 -3.10 31.57
C GLU F 75 -46.75 -2.87 30.07
N LEU F 76 -45.68 -2.19 29.65
CA LEU F 76 -45.48 -1.92 28.23
C LEU F 76 -44.42 -2.87 27.69
N VAL G 6 -19.91 -2.63 38.97
CA VAL G 6 -21.11 -1.80 38.82
C VAL G 6 -21.12 -1.13 37.45
N ASN G 7 -22.28 -1.12 36.81
CA ASN G 7 -22.46 -0.51 35.50
C ASN G 7 -23.75 0.30 35.48
N GLY G 8 -23.93 1.17 36.47
CA GLY G 8 -25.16 1.93 36.60
C GLY G 8 -25.11 3.29 35.94
N LYS G 9 -25.09 4.35 36.73
CA LYS G 9 -25.13 5.72 36.22
C LYS G 9 -23.78 6.42 36.28
N LYS G 10 -23.15 6.48 37.46
CA LYS G 10 -21.91 7.22 37.60
C LYS G 10 -20.76 6.58 36.82
N PHE G 11 -20.90 5.31 36.44
CA PHE G 11 -19.88 4.64 35.64
C PHE G 11 -20.10 4.84 34.15
N LYS G 12 -21.32 4.58 33.67
CA LYS G 12 -21.61 4.77 32.25
C LYS G 12 -21.39 6.22 31.83
N ASN G 13 -21.72 7.17 32.71
CA ASN G 13 -21.45 8.57 32.42
C ASN G 13 -19.95 8.83 32.35
N PHE G 14 -19.18 8.22 33.24
CA PHE G 14 -17.72 8.37 33.18
C PHE G 14 -17.14 7.56 32.04
N LEU G 15 -17.70 6.38 31.77
CA LEU G 15 -17.18 5.54 30.71
C LEU G 15 -17.49 6.12 29.33
N ALA G 16 -18.40 7.09 29.25
CA ALA G 16 -18.70 7.77 28.02
C ALA G 16 -17.82 8.99 27.79
N LYS G 17 -17.36 9.64 28.87
CA LYS G 17 -16.35 10.67 28.70
C LYS G 17 -15.03 10.07 28.24
N LEU G 18 -14.62 8.95 28.85
CA LEU G 18 -13.35 8.35 28.52
C LEU G 18 -13.33 7.78 27.11
N TYR G 19 -14.49 7.58 26.50
CA TYR G 19 -14.54 7.20 25.09
C TYR G 19 -14.25 8.39 24.20
N GLY G 20 -14.80 9.57 24.53
CA GLY G 20 -14.54 10.75 23.74
C GLY G 20 -13.09 11.22 23.83
N PHE G 21 -12.52 11.17 25.03
CA PHE G 21 -11.13 11.59 25.20
C PHE G 21 -10.18 10.63 24.52
N GLY G 22 -10.39 9.33 24.71
CA GLY G 22 -9.53 8.35 24.06
C GLY G 22 -9.61 8.41 22.56
N ALA G 23 -10.82 8.57 22.01
CA ALA G 23 -10.99 8.64 20.58
C ALA G 23 -10.28 9.86 20.00
N SER G 24 -10.29 10.97 20.72
CA SER G 24 -9.55 12.15 20.28
C SER G 24 -8.05 11.87 20.22
N ILE G 25 -7.53 11.11 21.19
CA ILE G 25 -6.12 10.75 21.18
C ILE G 25 -5.82 9.80 20.02
N VAL G 26 -6.74 8.89 19.72
CA VAL G 26 -6.53 7.95 18.63
C VAL G 26 -6.46 8.68 17.30
N ILE G 27 -7.37 9.61 17.07
CA ILE G 27 -7.40 10.33 15.79
C ILE G 27 -6.17 11.21 15.65
N LEU G 28 -5.73 11.84 16.74
CA LEU G 28 -4.51 12.63 16.71
C LEU G 28 -3.29 11.73 16.53
N GLY G 29 -3.29 10.56 17.15
CA GLY G 29 -2.19 9.63 16.96
C GLY G 29 -2.12 9.09 15.55
N ALA G 30 -3.28 8.82 14.94
CA ALA G 30 -3.31 8.35 13.57
C ALA G 30 -2.88 9.45 12.59
N MET G 31 -3.21 10.70 12.90
CA MET G 31 -2.71 11.82 12.09
C MET G 31 -1.21 11.92 12.18
N PHE G 32 -0.65 11.75 13.38
CA PHE G 32 0.80 11.83 13.55
C PHE G 32 1.51 10.67 12.85
N LYS G 33 0.90 9.49 12.84
CA LYS G 33 1.51 8.36 12.16
C LYS G 33 1.57 8.59 10.66
N ILE G 34 0.54 9.19 10.09
CA ILE G 34 0.55 9.54 8.67
C ILE G 34 1.68 10.51 8.38
N LEU G 35 1.82 11.52 9.23
CA LEU G 35 2.86 12.53 9.07
C LEU G 35 4.22 12.08 9.57
N HIS G 36 4.28 10.98 10.31
CA HIS G 36 5.52 10.47 10.91
C HIS G 36 6.17 11.50 11.82
N TRP G 37 5.42 11.93 12.83
CA TRP G 37 5.98 12.71 13.93
C TRP G 37 6.33 11.80 15.10
N THR G 38 7.03 12.37 16.08
CA THR G 38 7.63 11.58 17.14
C THR G 38 6.60 11.07 18.15
N GLY G 39 5.49 11.78 18.33
CA GLY G 39 4.50 11.34 19.29
C GLY G 39 3.50 10.35 18.77
N ALA G 40 3.65 9.87 17.53
CA ALA G 40 2.63 9.03 16.92
C ALA G 40 2.45 7.72 17.67
N ASP G 41 3.55 7.09 18.10
CA ASP G 41 3.44 5.76 18.67
C ASP G 41 2.88 5.78 20.08
N LEU G 42 3.20 6.81 20.85
CA LEU G 42 2.73 6.87 22.24
C LEU G 42 1.24 7.16 22.30
N MET G 43 0.75 8.07 21.46
CA MET G 43 -0.67 8.40 21.50
C MET G 43 -1.53 7.28 20.94
N LEU G 44 -0.98 6.47 20.04
CA LEU G 44 -1.74 5.33 19.53
C LEU G 44 -1.81 4.21 20.56
N ILE G 45 -0.74 3.98 21.31
CA ILE G 45 -0.77 2.97 22.35
C ILE G 45 -1.73 3.36 23.47
N ILE G 46 -1.64 4.61 23.92
CA ILE G 46 -2.51 5.07 25.01
C ILE G 46 -3.95 5.19 24.52
N GLY G 47 -4.14 5.74 23.34
CA GLY G 47 -5.49 5.93 22.84
C GLY G 47 -6.21 4.64 22.54
N LEU G 48 -5.55 3.72 21.82
CA LEU G 48 -6.21 2.50 21.39
C LEU G 48 -6.35 1.49 22.52
N SER G 49 -5.40 1.46 23.47
CA SER G 49 -5.56 0.58 24.62
C SER G 49 -6.70 1.03 25.52
N THR G 50 -6.90 2.35 25.63
CA THR G 50 -8.04 2.86 26.40
C THR G 50 -9.35 2.42 25.77
N GLU G 51 -9.51 2.64 24.47
CA GLU G 51 -10.75 2.26 23.79
C GLU G 51 -10.98 0.76 23.80
N ALA G 52 -9.91 -0.03 23.78
CA ALA G 52 -10.07 -1.46 23.91
C ALA G 52 -10.68 -1.82 25.26
N VAL G 53 -10.28 -1.10 26.32
CA VAL G 53 -10.87 -1.32 27.63
C VAL G 53 -12.31 -0.80 27.66
N ILE G 54 -12.56 0.33 27.01
CA ILE G 54 -13.91 0.92 27.02
C ILE G 54 -14.91 -0.04 26.42
N PHE G 55 -14.57 -0.65 25.29
CA PHE G 55 -15.52 -1.54 24.62
C PHE G 55 -15.56 -2.92 25.24
N PHE G 56 -14.55 -3.30 26.02
CA PHE G 56 -14.67 -4.50 26.82
C PHE G 56 -15.75 -4.34 27.88
N PHE G 57 -15.80 -3.17 28.52
CA PHE G 57 -16.83 -2.89 29.51
C PHE G 57 -18.18 -2.58 28.86
N SER G 58 -18.20 -2.22 27.58
CA SER G 58 -19.46 -2.01 26.89
C SER G 58 -20.16 -3.33 26.56
N ALA G 59 -19.45 -4.45 26.61
CA ALA G 59 -20.08 -5.75 26.42
C ALA G 59 -21.04 -6.09 27.55
N PHE G 60 -20.90 -5.44 28.69
CA PHE G 60 -21.73 -5.71 29.86
C PHE G 60 -22.79 -4.66 30.09
N GLU G 61 -22.95 -3.72 29.16
CA GLU G 61 -24.00 -2.71 29.28
C GLU G 61 -25.37 -3.36 29.13
N LYS G 62 -26.30 -2.91 29.95
CA LYS G 62 -27.69 -3.34 29.80
C LYS G 62 -28.26 -2.73 28.53
N PRO G 63 -28.88 -3.51 27.66
CA PRO G 63 -29.36 -2.97 26.38
C PRO G 63 -30.59 -2.10 26.58
N ALA G 64 -30.97 -1.43 25.48
CA ALA G 64 -32.08 -0.51 25.52
C ALA G 64 -33.39 -1.26 25.82
N PRO G 65 -34.34 -0.61 26.49
CA PRO G 65 -35.60 -1.29 26.82
C PRO G 65 -36.36 -1.81 25.60
N GLU G 66 -36.27 -1.10 24.47
CA GLU G 66 -36.92 -1.50 23.22
C GLU G 66 -38.43 -1.66 23.41
N TYR G 67 -39.05 -0.53 23.69
CA TYR G 67 -40.48 -0.49 23.95
C TYR G 67 -41.28 -0.90 22.71
N ASP G 68 -42.42 -1.53 22.95
CA ASP G 68 -43.33 -1.99 21.90
C ASP G 68 -44.64 -1.23 22.07
N TRP G 69 -44.85 -0.23 21.21
CA TRP G 69 -46.01 0.64 21.34
C TRP G 69 -47.30 0.03 20.82
N THR G 70 -47.23 -1.12 20.13
CA THR G 70 -48.43 -1.76 19.64
C THR G 70 -49.32 -2.21 20.79
N LEU G 71 -48.73 -2.53 21.94
CA LEU G 71 -49.51 -2.94 23.10
C LEU G 71 -50.37 -1.78 23.60
N VAL G 72 -49.82 -0.57 23.59
CA VAL G 72 -50.57 0.61 24.02
C VAL G 72 -51.53 1.05 22.93
N TYR G 73 -51.02 1.26 21.72
CA TYR G 73 -51.84 1.74 20.63
C TYR G 73 -52.05 0.60 19.63
N PRO G 74 -53.24 0.01 19.57
CA PRO G 74 -53.54 -0.92 18.48
C PRO G 74 -53.41 -0.26 17.12
N GLU G 75 -53.60 -1.07 16.08
CA GLU G 75 -53.55 -0.64 14.67
C GLU G 75 -52.38 0.29 14.40
N LEU G 76 -51.26 -0.02 15.05
CA LEU G 76 -50.05 0.76 14.88
C LEU G 76 -48.96 -0.07 14.22
#